data_7G7Z
#
_entry.id   7G7Z
#
_cell.length_a   84.096
_cell.length_b   92.112
_cell.length_c   120.482
_cell.angle_alpha   90.000
_cell.angle_beta   90.000
_cell.angle_gamma   90.000
#
_symmetry.space_group_name_H-M   'P 21 21 21'
#
loop_
_entity.id
_entity.type
_entity.pdbx_description
1 polymer 'Isoform 2 of Ectonucleotide pyrophosphatase/phosphodiesterase family member 2'
2 branched alpha-D-mannopyranose-(1-2)-alpha-D-mannopyranose-(1-3)-alpha-D-mannopyranose-(1-6)-[alpha-D-mannopyranose-(1-2)-alpha-D-mannopyranose-(1-3)]beta-D-mannopyranose-(1-4)-2-acetamido-2-deoxy-beta-D-glucopyranose-(1-4)-2-acetamido-2-deoxy-beta-D-glucopyranose
3 non-polymer 'CALCIUM ION'
4 non-polymer 'ACETATE ION'
5 non-polymer 'ZINC ION'
6 non-polymer 'SODIUM ION'
7 non-polymer '3-fluoro-4-{[1-(3-{2-[(5-methyl-2H-tetrazol-2-yl)methyl]-4-(trifluoromethyl)phenyl}propanoyl)piperidin-4-yl]sulfanyl}benzoic acid'
8 water water
#
_entity_poly.entity_id   1
_entity_poly.type   'polypeptide(L)'
_entity_poly.pdbx_seq_one_letter_code
;FTASRIKRAEWDEGPPTVLSDSPWTATSGSCKGRCFELQEVGPPDCRCDNLCKSYSSCCHDFDELCLKTARGWECTKDRC
GEVRNEENACHCSEDCLSRGDCCTNYQVVCKGESHWVDDDCEEIKVPECPAGFVRPPLIIFSVDGFRASYMKKGSKVMPN
IEKLRSCGTHAPYMRPVYPTKTFPNLYTLATGLYPESHGIVGNSMYDPVFDASFHLRGREKFNHRWWGGQPLWITATKQG
VRAGTFFWSVSIPHERRILTILQWLSLPDNERPSVYAFYSEQPDFSGHKYGPFGPEMTNPLREIDKTVGQLMDGLKQLRL
HRCVNVIFVGDHGMEDVTCDRTEFLSNYLTNVDDITLVPGTLGRIRAKSINNSKYDPKTIIAALTCKKPDQHFKPYMKQH
LPKRLHYANNRRIEDIHLLVDRRWHVARKPLDVYKKPSGKCFFQGDHGFDNKVNSMQTVFVGYGPTFKYRTKVPPFENIE
LYNVMCDLLGLKPAPNNGTHGSLNHLLRTNTFRPTMPDEVSRPNYPGIMYLQSEFDLGCTCDDKVEPKNKLEELNKRLHT
KGSTKERHLLYGRPAVLYRTSYDILYHTDFESGYSEIFLMPLWTSYTISKQAEVSSIPEHLTNCVRPDVRVSPGFSQNCL
AYKNDKQMSYGFLFPPYLSSSPEAKYDAFLVTNMVPMYPAFKRVWAYFQRVLVKKYASERNGVNVISGPIFDYNYDGLRD
TEDEIKQYVEGSSIPVPTHYYSIITSCLDFTQPADKCDGPLSVSSFILPHRPDNDESCNSSEDESKWVEELMKMHTARVR
DIEHLTGLDFYRKTSRSYSEILTLKTYLHTYESEIGGRHHHHHHHH
;
_entity_poly.pdbx_strand_id   A
#
loop_
_chem_comp.id
_chem_comp.type
_chem_comp.name
_chem_comp.formula
ACT non-polymer 'ACETATE ION' 'C2 H3 O2 -1'
BMA D-saccharide, beta linking beta-D-mannopyranose 'C6 H12 O6'
CA non-polymer 'CALCIUM ION' 'Ca 2'
MAN D-saccharide, alpha linking alpha-D-mannopyranose 'C6 H12 O6'
NA non-polymer 'SODIUM ION' 'Na 1'
NAG D-saccharide, beta linking 2-acetamido-2-deoxy-beta-D-glucopyranose 'C8 H15 N O6'
Y1B non-polymer '3-fluoro-4-{[1-(3-{2-[(5-methyl-2H-tetrazol-2-yl)methyl]-4-(trifluoromethyl)phenyl}propanoyl)piperidin-4-yl]sulfanyl}benzoic acid' 'C25 H25 F4 N5 O3 S'
ZN non-polymer 'ZINC ION' 'Zn 2'
#
# COMPACT_ATOMS: atom_id res chain seq x y z
N TRP A 24 -6.91 -38.26 13.78
CA TRP A 24 -6.10 -39.50 13.53
C TRP A 24 -5.13 -39.36 12.34
N THR A 25 -4.01 -40.10 12.41
CA THR A 25 -3.11 -40.35 11.27
C THR A 25 -2.56 -41.77 11.40
N ALA A 26 -2.69 -42.57 10.33
CA ALA A 26 -1.99 -43.84 10.21
C ALA A 26 -0.59 -43.53 9.69
N THR A 27 0.31 -43.19 10.62
CA THR A 27 1.67 -42.78 10.27
C THR A 27 2.62 -43.96 9.89
N SER A 28 2.05 -45.17 9.74
CA SER A 28 2.82 -46.37 9.31
C SER A 28 2.79 -46.70 7.79
N GLY A 29 2.39 -45.75 6.94
CA GLY A 29 2.81 -45.72 5.52
C GLY A 29 4.26 -45.25 5.43
N SER A 30 4.77 -45.13 4.21
CA SER A 30 6.17 -44.77 3.95
C SER A 30 6.38 -43.58 2.97
N CYS A 31 7.48 -42.85 3.17
CA CYS A 31 7.88 -41.78 2.25
C CYS A 31 8.86 -42.24 1.19
N LYS A 32 9.17 -43.53 1.17
CA LYS A 32 10.01 -44.13 0.12
C LYS A 32 9.53 -43.65 -1.27
N GLY A 33 10.43 -43.03 -2.02
CA GLY A 33 10.09 -42.41 -3.32
C GLY A 33 9.10 -41.22 -3.34
N ARG A 34 8.76 -40.63 -2.20
CA ARG A 34 7.78 -39.53 -2.14
C ARG A 34 8.29 -38.30 -1.41
N CYS A 35 9.61 -38.17 -1.22
CA CYS A 35 10.15 -37.09 -0.41
C CYS A 35 9.80 -35.72 -1.04
N PHE A 36 9.19 -34.84 -0.25
CA PHE A 36 8.83 -33.51 -0.72
C PHE A 36 7.87 -33.60 -1.94
N GLU A 37 6.92 -34.53 -1.84
CA GLU A 37 5.90 -34.71 -2.87
C GLU A 37 5.04 -33.45 -2.99
N LEU A 38 4.63 -33.15 -4.21
CA LEU A 38 3.95 -31.89 -4.49
C LEU A 38 2.44 -31.91 -4.29
N GLN A 39 1.77 -33.03 -4.58
CA GLN A 39 0.33 -33.18 -4.28
C GLN A 39 0.21 -33.73 -2.85
N GLU A 40 -0.43 -32.96 -1.98
CA GLU A 40 -0.62 -33.32 -0.57
C GLU A 40 -1.70 -34.41 -0.45
N VAL A 41 -1.36 -35.55 0.17
CA VAL A 41 -2.31 -36.69 0.31
C VAL A 41 -3.15 -36.59 1.60
N GLY A 42 -4.40 -37.06 1.51
CA GLY A 42 -5.41 -36.83 2.55
C GLY A 42 -5.40 -37.84 3.69
N PRO A 43 -5.61 -37.38 4.94
CA PRO A 43 -5.79 -38.28 6.11
C PRO A 43 -6.80 -39.44 5.89
N PRO A 44 -6.58 -40.62 6.50
CA PRO A 44 -5.52 -40.88 7.47
C PRO A 44 -4.20 -41.39 6.85
N ASP A 45 -4.00 -41.20 5.54
CA ASP A 45 -2.77 -41.63 4.86
C ASP A 45 -1.68 -40.61 5.24
N CYS A 46 -0.49 -41.11 5.60
CA CYS A 46 0.58 -40.24 6.10
C CYS A 46 1.24 -39.45 4.98
N ARG A 47 1.88 -38.35 5.36
CA ARG A 47 2.30 -37.30 4.42
C ARG A 47 3.82 -37.20 4.32
N CYS A 48 4.31 -36.69 3.19
CA CYS A 48 5.75 -36.51 2.97
C CYS A 48 6.14 -35.15 2.34
N ASP A 49 5.22 -34.19 2.42
CA ASP A 49 5.36 -32.89 1.78
C ASP A 49 6.00 -31.89 2.76
N ASN A 50 6.31 -30.69 2.28
CA ASN A 50 7.09 -29.80 3.13
C ASN A 50 6.32 -29.22 4.32
N LEU A 51 5.04 -29.51 4.44
CA LEU A 51 4.29 -29.15 5.63
C LEU A 51 3.90 -30.29 6.56
N CYS A 52 4.31 -31.53 6.27
CA CYS A 52 3.83 -32.67 7.09
C CYS A 52 4.20 -32.47 8.58
N LYS A 53 5.40 -31.98 8.85
CA LYS A 53 5.83 -31.72 10.24
C LYS A 53 4.89 -30.80 11.01
N SER A 54 4.35 -29.78 10.32
CA SER A 54 3.53 -28.75 10.97
C SER A 54 2.14 -29.28 11.32
N TYR A 55 1.74 -30.35 10.65
CA TYR A 55 0.51 -31.09 10.95
C TYR A 55 0.70 -32.36 11.81
N SER A 56 1.94 -32.66 12.26
CA SER A 56 2.24 -33.91 12.99
C SER A 56 1.76 -35.18 12.25
N SER A 57 1.89 -35.16 10.92
CA SER A 57 1.31 -36.17 10.02
C SER A 57 2.33 -36.84 9.09
N CYS A 58 3.62 -36.60 9.29
CA CYS A 58 4.66 -37.20 8.44
C CYS A 58 4.71 -38.71 8.67
N CYS A 59 4.96 -39.48 7.61
CA CYS A 59 5.20 -40.92 7.74
C CYS A 59 6.39 -41.19 8.67
N HIS A 60 6.37 -42.38 9.29
CA HIS A 60 7.33 -42.80 10.28
C HIS A 60 8.75 -42.55 9.81
N ASP A 61 9.02 -42.71 8.50
CA ASP A 61 10.39 -42.66 7.97
C ASP A 61 10.81 -41.34 7.31
N PHE A 62 9.97 -40.31 7.44
CA PHE A 62 10.21 -38.99 6.82
C PHE A 62 11.59 -38.43 7.15
N ASP A 63 11.95 -38.43 8.43
CA ASP A 63 13.28 -37.89 8.83
C ASP A 63 14.42 -38.67 8.20
N GLU A 64 14.28 -40.00 8.22
CA GLU A 64 15.35 -40.88 7.75
C GLU A 64 15.58 -40.69 6.25
N LEU A 65 14.50 -40.79 5.51
CA LEU A 65 14.51 -40.71 4.04
C LEU A 65 14.64 -39.28 3.51
N CYS A 66 13.83 -38.37 4.03
CA CYS A 66 13.68 -37.03 3.44
C CYS A 66 14.54 -35.96 4.09
N LEU A 67 15.00 -36.18 5.32
CA LEU A 67 15.79 -35.15 6.03
C LEU A 67 17.18 -35.64 6.39
N LYS A 68 17.84 -36.23 5.39
CA LYS A 68 19.21 -36.68 5.53
C LYS A 68 20.08 -35.51 5.77
N THR A 69 21.11 -35.70 6.61
CA THR A 69 22.08 -34.65 6.95
C THR A 69 23.55 -35.09 6.86
N ALA A 70 23.77 -36.37 6.54
CA ALA A 70 25.08 -36.98 6.67
C ALA A 70 26.11 -36.35 5.75
N ARG A 71 27.21 -35.95 6.35
CA ARG A 71 28.35 -35.30 5.71
C ARG A 71 28.08 -33.86 5.34
N GLY A 72 26.97 -33.29 5.81
CA GLY A 72 26.70 -31.86 5.60
C GLY A 72 26.35 -31.49 4.18
N TRP A 73 26.60 -30.23 3.82
CA TRP A 73 25.99 -29.63 2.61
C TRP A 73 26.95 -29.25 1.50
N GLU A 74 28.25 -29.47 1.69
CA GLU A 74 29.27 -29.06 0.72
C GLU A 74 30.15 -30.23 0.32
N CYS A 75 30.46 -30.32 -0.97
CA CYS A 75 31.47 -31.24 -1.48
C CYS A 75 32.84 -30.75 -1.10
N THR A 76 33.70 -31.68 -0.71
CA THR A 76 35.09 -31.43 -0.39
C THR A 76 35.89 -32.20 -1.46
N LYS A 77 37.15 -31.80 -1.69
CA LYS A 77 38.05 -32.50 -2.63
C LYS A 77 37.94 -34.02 -2.54
N ASP A 78 38.17 -34.55 -1.33
CA ASP A 78 38.12 -36.01 -1.10
C ASP A 78 36.83 -36.70 -1.57
N ARG A 79 35.69 -36.02 -1.48
CA ARG A 79 34.42 -36.60 -1.94
C ARG A 79 34.24 -36.63 -3.46
N CYS A 80 35.08 -35.92 -4.22
CA CYS A 80 34.89 -35.82 -5.66
C CYS A 80 35.03 -37.17 -6.34
N GLY A 81 34.12 -37.44 -7.27
CA GLY A 81 34.02 -38.74 -7.92
C GLY A 81 33.47 -39.89 -7.08
N GLU A 82 33.22 -39.68 -5.78
CA GLU A 82 32.86 -40.76 -4.83
C GLU A 82 31.84 -41.77 -5.36
N VAL A 83 31.80 -42.92 -4.71
CA VAL A 83 30.79 -43.91 -4.97
C VAL A 83 29.49 -43.39 -4.35
N ARG A 84 28.42 -43.33 -5.13
CA ARG A 84 27.15 -42.87 -4.58
C ARG A 84 26.80 -43.60 -3.28
N ASN A 85 26.70 -42.85 -2.20
CA ASN A 85 26.11 -43.32 -0.96
C ASN A 85 24.81 -42.55 -0.72
N GLU A 86 23.68 -43.27 -0.76
CA GLU A 86 22.35 -42.67 -0.64
C GLU A 86 22.03 -42.12 0.77
N GLU A 87 22.87 -42.45 1.76
CA GLU A 87 22.74 -41.87 3.10
C GLU A 87 23.09 -40.38 3.15
N ASN A 88 23.92 -39.92 2.22
CA ASN A 88 24.42 -38.55 2.27
C ASN A 88 23.31 -37.51 2.01
N ALA A 89 23.51 -36.33 2.58
CA ALA A 89 22.56 -35.23 2.45
C ALA A 89 22.54 -34.68 1.03
N CYS A 90 23.70 -34.61 0.42
CA CYS A 90 23.81 -34.30 -1.01
C CYS A 90 25.06 -35.00 -1.52
N HIS A 91 25.27 -34.99 -2.84
CA HIS A 91 26.18 -35.93 -3.48
C HIS A 91 27.25 -35.25 -4.26
N CYS A 92 28.42 -35.90 -4.32
CA CYS A 92 29.57 -35.42 -5.10
C CYS A 92 30.04 -36.50 -6.09
N SER A 93 29.17 -37.49 -6.30
CA SER A 93 29.43 -38.61 -7.19
C SER A 93 29.16 -38.18 -8.62
N GLU A 94 29.72 -38.94 -9.56
CA GLU A 94 29.69 -38.55 -10.97
C GLU A 94 28.28 -38.49 -11.56
N ASP A 95 27.35 -39.24 -11.01
CA ASP A 95 25.98 -39.28 -11.51
C ASP A 95 25.05 -38.23 -10.87
N CYS A 96 25.61 -37.32 -10.08
CA CYS A 96 24.78 -36.41 -9.29
C CYS A 96 24.04 -35.36 -10.15
N LEU A 97 24.70 -34.76 -11.14
CA LEU A 97 23.99 -33.78 -12.01
C LEU A 97 22.75 -34.42 -12.66
N SER A 98 22.92 -35.61 -13.26
CA SER A 98 21.80 -36.36 -13.87
C SER A 98 20.69 -36.74 -12.88
N ARG A 99 21.08 -37.08 -11.66
CA ARG A 99 20.14 -37.37 -10.57
C ARG A 99 19.49 -36.08 -10.01
N GLY A 100 20.13 -34.92 -10.23
CA GLY A 100 19.61 -33.61 -9.71
C GLY A 100 19.83 -33.35 -8.21
N ASP A 101 20.84 -34.01 -7.62
CA ASP A 101 21.01 -33.98 -6.18
C ASP A 101 22.46 -33.77 -5.76
N CYS A 102 23.26 -33.13 -6.60
CA CYS A 102 24.59 -32.68 -6.17
C CYS A 102 24.47 -31.62 -5.07
N CYS A 103 25.49 -31.55 -4.23
CA CYS A 103 25.68 -30.41 -3.36
C CYS A 103 25.81 -29.22 -4.27
N THR A 104 25.38 -28.06 -3.79
CA THR A 104 25.33 -26.88 -4.63
C THR A 104 26.70 -26.49 -5.11
N ASN A 105 27.73 -26.79 -4.31
CA ASN A 105 29.10 -26.45 -4.71
C ASN A 105 29.87 -27.54 -5.51
N TYR A 106 29.17 -28.59 -5.91
CA TYR A 106 29.81 -29.74 -6.59
C TYR A 106 30.70 -29.36 -7.73
N GLN A 107 30.15 -28.61 -8.68
CA GLN A 107 30.90 -28.22 -9.86
CA GLN A 107 30.92 -28.25 -9.86
C GLN A 107 32.07 -27.30 -9.54
N VAL A 108 31.98 -26.55 -8.42
CA VAL A 108 33.10 -25.68 -8.03
C VAL A 108 34.28 -26.50 -7.50
N VAL A 109 34.00 -27.38 -6.53
CA VAL A 109 35.02 -28.18 -5.88
C VAL A 109 35.51 -29.25 -6.88
N CYS A 110 34.59 -30.03 -7.41
CA CYS A 110 34.95 -31.18 -8.23
C CYS A 110 35.18 -30.97 -9.73
N LYS A 111 34.88 -29.81 -10.29
CA LYS A 111 35.06 -29.59 -11.76
C LYS A 111 35.71 -28.27 -12.16
N GLY A 112 36.33 -27.56 -11.23
CA GLY A 112 37.01 -26.29 -11.58
C GLY A 112 36.14 -25.09 -11.92
N GLU A 113 34.83 -25.19 -11.75
CA GLU A 113 33.92 -24.06 -12.03
C GLU A 113 34.00 -22.98 -10.96
N SER A 114 33.60 -21.78 -11.35
CA SER A 114 33.48 -20.65 -10.44
C SER A 114 32.10 -20.59 -9.77
N HIS A 115 32.07 -20.02 -8.55
CA HIS A 115 30.84 -19.66 -7.88
C HIS A 115 30.18 -18.58 -8.74
N TRP A 116 28.85 -18.65 -8.82
CA TRP A 116 28.07 -17.63 -9.52
C TRP A 116 28.44 -16.22 -9.12
N VAL A 117 28.65 -15.97 -7.83
CA VAL A 117 28.99 -14.63 -7.34
C VAL A 117 30.28 -14.09 -7.92
N ASP A 118 31.24 -14.98 -8.17
CA ASP A 118 32.52 -14.59 -8.76
C ASP A 118 32.49 -14.30 -10.25
N ASP A 119 31.43 -14.65 -10.95
CA ASP A 119 31.33 -14.33 -12.36
C ASP A 119 30.92 -12.88 -12.58
N ASP A 120 31.39 -12.33 -13.68
CA ASP A 120 31.05 -10.96 -14.08
C ASP A 120 29.60 -10.98 -14.40
N CYS A 121 28.93 -9.88 -14.23
CA CYS A 121 27.54 -9.91 -14.64
CA CYS A 121 27.52 -9.83 -14.59
C CYS A 121 27.39 -9.54 -16.08
N GLU A 122 26.61 -10.36 -16.75
CA GLU A 122 26.42 -10.21 -18.17
CA GLU A 122 26.42 -10.29 -18.19
C GLU A 122 24.92 -10.18 -18.40
N GLU A 123 24.50 -9.20 -19.18
CA GLU A 123 23.09 -8.99 -19.49
C GLU A 123 22.39 -10.29 -19.98
N ILE A 124 21.18 -10.52 -19.53
CA ILE A 124 20.41 -11.68 -19.95
C ILE A 124 19.39 -11.12 -20.88
N LYS A 125 19.69 -11.10 -22.18
CA LYS A 125 18.81 -10.48 -23.15
C LYS A 125 17.65 -11.39 -23.48
N VAL A 126 17.87 -12.69 -23.52
CA VAL A 126 16.79 -13.65 -23.76
C VAL A 126 16.94 -14.80 -22.80
N PRO A 127 15.83 -15.51 -22.49
CA PRO A 127 15.99 -16.69 -21.62
C PRO A 127 16.86 -17.73 -22.26
N GLU A 128 17.81 -18.23 -21.50
CA GLU A 128 18.73 -19.29 -21.92
C GLU A 128 18.43 -20.51 -21.10
N CYS A 129 17.48 -21.29 -21.58
CA CYS A 129 16.92 -22.42 -20.84
C CYS A 129 17.21 -23.75 -21.56
N PRO A 130 17.31 -24.85 -20.78
CA PRO A 130 17.35 -26.21 -21.36
C PRO A 130 16.12 -26.54 -22.21
N ALA A 131 16.28 -27.49 -23.12
CA ALA A 131 15.17 -27.96 -23.95
C ALA A 131 14.08 -28.55 -23.07
N GLY A 132 12.84 -28.32 -23.49
CA GLY A 132 11.69 -28.75 -22.70
C GLY A 132 11.17 -27.70 -21.72
N PHE A 133 11.94 -26.64 -21.45
CA PHE A 133 11.40 -25.54 -20.61
C PHE A 133 10.42 -24.66 -21.39
N VAL A 134 9.14 -24.71 -21.00
CA VAL A 134 8.07 -23.94 -21.70
C VAL A 134 8.09 -22.40 -21.39
N ARG A 135 8.64 -22.03 -20.24
CA ARG A 135 8.68 -20.64 -19.78
C ARG A 135 9.80 -20.52 -18.73
N PRO A 136 10.39 -19.35 -18.58
CA PRO A 136 11.32 -19.10 -17.46
C PRO A 136 10.65 -19.41 -16.09
N PRO A 137 11.21 -20.33 -15.30
CA PRO A 137 10.64 -20.45 -13.95
C PRO A 137 10.76 -19.17 -13.09
N LEU A 138 9.93 -19.03 -12.06
CA LEU A 138 10.02 -17.93 -11.14
C LEU A 138 10.35 -18.53 -9.78
N ILE A 139 11.41 -18.03 -9.15
CA ILE A 139 11.73 -18.40 -7.76
C ILE A 139 11.63 -17.14 -6.90
N ILE A 140 10.77 -17.19 -5.89
CA ILE A 140 10.62 -16.12 -4.94
C ILE A 140 11.45 -16.45 -3.70
N PHE A 141 12.46 -15.64 -3.42
CA PHE A 141 13.32 -15.83 -2.26
C PHE A 141 12.88 -14.81 -1.20
N SER A 142 12.11 -15.22 -0.20
CA SER A 142 11.54 -14.28 0.74
C SER A 142 12.28 -14.33 2.05
N VAL A 143 12.46 -13.14 2.60
CA VAL A 143 13.22 -13.00 3.84
C VAL A 143 12.43 -12.15 4.83
N ASP A 144 12.39 -12.63 6.05
CA ASP A 144 11.58 -12.07 7.10
C ASP A 144 12.39 -11.00 7.83
N GLY A 145 11.80 -9.82 7.99
CA GLY A 145 12.43 -8.69 8.71
C GLY A 145 13.65 -8.07 8.08
N PHE A 146 13.75 -8.20 6.78
CA PHE A 146 14.85 -7.69 6.05
C PHE A 146 14.61 -6.22 5.74
N ARG A 147 15.13 -5.40 6.62
CA ARG A 147 14.93 -3.96 6.54
C ARG A 147 15.64 -3.38 5.34
N ALA A 148 15.04 -2.38 4.70
CA ALA A 148 15.55 -1.80 3.46
C ALA A 148 16.99 -1.38 3.51
N SER A 149 17.39 -0.74 4.59
CA SER A 149 18.75 -0.17 4.69
C SER A 149 19.85 -1.23 4.88
N TYR A 150 19.46 -2.50 5.11
CA TYR A 150 20.44 -3.59 5.15
C TYR A 150 21.18 -3.68 3.84
N MET A 151 20.51 -3.28 2.75
CA MET A 151 21.13 -3.37 1.45
C MET A 151 22.42 -2.53 1.35
N LYS A 152 22.40 -1.37 2.00
CA LYS A 152 23.57 -0.49 2.07
C LYS A 152 24.42 -0.93 3.25
N LYS A 153 23.81 -1.03 4.42
CA LYS A 153 24.57 -1.14 5.67
C LYS A 153 25.27 -2.52 5.83
N GLY A 154 24.70 -3.56 5.23
CA GLY A 154 25.27 -4.90 5.29
C GLY A 154 25.94 -5.31 4.00
N SER A 155 26.20 -4.37 3.10
CA SER A 155 26.61 -4.73 1.75
C SER A 155 27.92 -5.48 1.71
N LYS A 156 28.81 -5.20 2.66
CA LYS A 156 30.12 -5.88 2.71
C LYS A 156 30.02 -7.35 3.04
N VAL A 157 28.91 -7.78 3.61
CA VAL A 157 28.83 -9.19 4.00
C VAL A 157 27.80 -9.97 3.19
N MET A 158 27.28 -9.37 2.11
CA MET A 158 26.23 -10.00 1.32
C MET A 158 26.57 -9.93 -0.15
N PRO A 159 27.69 -10.56 -0.54
CA PRO A 159 28.11 -10.41 -1.92
C PRO A 159 27.12 -10.97 -2.97
N ASN A 160 26.48 -12.10 -2.71
CA ASN A 160 25.52 -12.71 -3.67
C ASN A 160 24.29 -11.79 -3.85
N ILE A 161 23.75 -11.32 -2.72
CA ILE A 161 22.63 -10.39 -2.71
C ILE A 161 22.98 -9.11 -3.40
N GLU A 162 24.19 -8.61 -3.15
CA GLU A 162 24.62 -7.38 -3.76
C GLU A 162 24.85 -7.50 -5.28
N LYS A 163 25.35 -8.65 -5.74
CA LYS A 163 25.30 -8.95 -7.18
C LYS A 163 23.89 -8.97 -7.78
N LEU A 164 22.97 -9.70 -7.17
CA LEU A 164 21.57 -9.73 -7.67
C LEU A 164 21.06 -8.29 -7.82
N ARG A 165 21.31 -7.50 -6.78
CA ARG A 165 20.81 -6.14 -6.70
C ARG A 165 21.37 -5.26 -7.78
N SER A 166 22.69 -5.27 -7.97
CA SER A 166 23.30 -4.29 -8.89
C SER A 166 23.18 -4.74 -10.34
N CYS A 167 23.09 -6.04 -10.57
CA CYS A 167 22.96 -6.56 -11.95
CA CYS A 167 22.95 -6.60 -11.93
C CYS A 167 21.52 -6.67 -12.41
N GLY A 168 20.60 -6.85 -11.46
CA GLY A 168 19.19 -6.94 -11.74
C GLY A 168 18.47 -5.61 -11.76
N THR A 169 17.16 -5.69 -11.49
CA THR A 169 16.30 -4.56 -11.25
C THR A 169 16.08 -4.45 -9.73
N HIS A 170 16.22 -3.26 -9.18
CA HIS A 170 16.01 -3.03 -7.73
C HIS A 170 15.36 -1.70 -7.43
N ALA A 171 14.66 -1.67 -6.31
CA ALA A 171 14.06 -0.49 -5.75
C ALA A 171 14.86 -0.18 -4.48
N PRO A 172 14.95 1.12 -4.12
CA PRO A 172 15.62 1.51 -2.87
C PRO A 172 14.92 0.98 -1.67
N TYR A 173 13.60 0.82 -1.77
CA TYR A 173 12.84 0.09 -0.79
C TYR A 173 11.53 -0.26 -1.34
N MET A 174 10.86 -1.17 -0.66
CA MET A 174 9.52 -1.57 -0.98
C MET A 174 8.70 -1.34 0.27
N ARG A 175 7.53 -0.73 0.05
CA ARG A 175 6.57 -0.43 1.10
C ARG A 175 5.69 -1.61 1.43
N PRO A 176 5.71 -2.02 2.72
CA PRO A 176 4.84 -3.14 3.14
C PRO A 176 3.43 -2.65 3.34
N VAL A 177 2.51 -3.54 3.70
CA VAL A 177 1.20 -3.12 4.10
C VAL A 177 1.14 -3.01 5.60
N TYR A 178 0.14 -2.30 6.09
CA TYR A 178 -0.15 -2.19 7.53
C TYR A 178 -1.16 -3.30 7.98
N PRO A 179 -0.93 -3.94 9.13
CA PRO A 179 0.21 -3.80 10.02
C PRO A 179 1.46 -4.46 9.50
N THR A 180 2.60 -3.85 9.78
CA THR A 180 3.86 -4.31 9.24
C THR A 180 4.41 -5.58 9.97
N LYS A 181 3.58 -6.59 9.94
CA LYS A 181 3.75 -7.89 10.54
C LYS A 181 3.89 -8.94 9.45
N THR A 182 4.40 -10.11 9.85
CA THR A 182 4.71 -11.21 8.94
C THR A 182 3.54 -11.77 8.17
N PHE A 183 2.49 -12.20 8.85
CA PHE A 183 1.43 -12.91 8.16
C PHE A 183 0.66 -12.02 7.16
N PRO A 184 0.29 -10.80 7.59
CA PRO A 184 -0.38 -9.90 6.67
C PRO A 184 0.43 -9.57 5.45
N ASN A 185 1.72 -9.34 5.63
CA ASN A 185 2.61 -9.03 4.49
C ASN A 185 2.93 -10.17 3.54
N LEU A 186 3.20 -11.35 4.07
CA LEU A 186 3.40 -12.52 3.18
C LEU A 186 2.13 -12.82 2.39
N TYR A 187 0.97 -12.73 3.01
CA TYR A 187 -0.22 -13.11 2.28
C TYR A 187 -0.66 -12.01 1.31
N THR A 188 -0.30 -10.75 1.64
CA THR A 188 -0.43 -9.63 0.69
C THR A 188 0.48 -9.88 -0.53
N LEU A 189 1.75 -10.27 -0.31
CA LEU A 189 2.65 -10.60 -1.40
C LEU A 189 2.04 -11.65 -2.30
N ALA A 190 1.46 -12.69 -1.70
CA ALA A 190 0.86 -13.79 -2.47
C ALA A 190 -0.42 -13.45 -3.22
N THR A 191 -1.18 -12.42 -2.82
CA THR A 191 -2.54 -12.21 -3.36
C THR A 191 -2.75 -10.88 -4.05
N GLY A 192 -1.85 -9.94 -3.81
CA GLY A 192 -2.05 -8.57 -4.24
C GLY A 192 -3.15 -7.82 -3.53
N LEU A 193 -3.58 -8.29 -2.34
CA LEU A 193 -4.73 -7.71 -1.67
C LEU A 193 -4.33 -7.08 -0.34
N TYR A 194 -5.02 -6.01 0.02
CA TYR A 194 -4.90 -5.40 1.34
C TYR A 194 -5.37 -6.46 2.37
N PRO A 195 -4.75 -6.50 3.56
CA PRO A 195 -5.20 -7.39 4.63
C PRO A 195 -6.69 -7.35 4.92
N GLU A 196 -7.29 -6.16 4.91
CA GLU A 196 -8.75 -6.02 5.08
C GLU A 196 -9.54 -6.84 4.09
N SER A 197 -8.97 -7.07 2.88
CA SER A 197 -9.59 -7.91 1.88
C SER A 197 -9.23 -9.40 1.90
N HIS A 198 -7.95 -9.75 2.12
CA HIS A 198 -7.56 -11.15 2.20
C HIS A 198 -7.89 -11.79 3.54
N GLY A 199 -8.10 -10.95 4.56
CA GLY A 199 -8.56 -11.38 5.89
C GLY A 199 -7.53 -11.66 6.94
N ILE A 200 -6.26 -11.71 6.57
CA ILE A 200 -5.19 -11.90 7.52
C ILE A 200 -4.77 -10.50 8.02
N VAL A 201 -5.56 -9.97 8.96
CA VAL A 201 -5.45 -8.55 9.38
C VAL A 201 -4.43 -8.32 10.50
N GLY A 202 -3.85 -9.41 11.01
CA GLY A 202 -2.77 -9.36 12.01
C GLY A 202 -2.15 -10.73 12.18
N ASN A 203 -1.05 -10.80 12.92
CA ASN A 203 -0.45 -12.12 13.30
C ASN A 203 -1.32 -12.77 14.35
N SER A 204 -2.03 -11.92 15.10
CA SER A 204 -3.06 -12.34 16.04
CA SER A 204 -3.08 -12.35 16.03
C SER A 204 -4.36 -11.65 15.63
N MET A 205 -5.48 -12.39 15.70
CA MET A 205 -6.80 -11.89 15.36
C MET A 205 -7.85 -12.67 16.14
N TYR A 206 -9.00 -12.05 16.38
CA TYR A 206 -10.25 -12.71 16.86
C TYR A 206 -11.25 -12.42 15.76
N ASP A 207 -11.98 -13.43 15.32
CA ASP A 207 -13.10 -13.25 14.44
C ASP A 207 -14.33 -13.50 15.30
N PRO A 208 -15.31 -12.57 15.29
CA PRO A 208 -16.60 -12.84 15.97
C PRO A 208 -17.70 -13.63 15.23
N VAL A 209 -17.72 -13.75 13.90
CA VAL A 209 -18.79 -14.54 13.20
C VAL A 209 -18.48 -16.02 13.22
N PHE A 210 -17.19 -16.34 13.13
CA PHE A 210 -16.73 -17.68 13.42
C PHE A 210 -16.91 -17.89 14.88
N ASP A 211 -16.56 -16.86 15.66
CA ASP A 211 -16.25 -16.95 17.08
C ASP A 211 -15.12 -17.91 17.05
N ALA A 212 -13.90 -17.43 17.42
CA ALA A 212 -12.58 -18.09 17.17
C ALA A 212 -11.34 -17.12 17.11
N SER A 213 -10.18 -17.59 17.57
CA SER A 213 -8.94 -16.78 17.58
C SER A 213 -7.70 -17.39 16.85
N PHE A 214 -7.04 -16.56 16.04
CA PHE A 214 -5.97 -16.94 15.12
C PHE A 214 -4.69 -16.49 15.78
N HIS A 215 -3.73 -17.40 15.90
CA HIS A 215 -2.43 -17.07 16.51
C HIS A 215 -1.26 -17.73 15.74
N LEU A 216 -0.05 -17.20 15.96
CA LEU A 216 1.18 -17.80 15.40
C LEU A 216 1.39 -19.24 15.89
N ARG A 217 0.94 -19.52 17.11
CA ARG A 217 0.83 -20.87 17.64
C ARG A 217 -0.54 -21.47 17.44
N GLY A 218 -0.56 -22.80 17.32
CA GLY A 218 -1.78 -23.56 17.37
C GLY A 218 -2.23 -23.91 16.00
N ARG A 219 -3.34 -24.63 15.98
CA ARG A 219 -3.86 -25.22 14.78
C ARG A 219 -4.93 -24.36 14.10
N GLU A 220 -5.46 -23.33 14.77
CA GLU A 220 -6.57 -22.55 14.17
C GLU A 220 -6.11 -21.92 12.86
N LYS A 221 -4.86 -21.45 12.85
CA LYS A 221 -4.28 -20.82 11.66
C LYS A 221 -4.25 -21.71 10.42
N PHE A 222 -4.38 -23.04 10.58
CA PHE A 222 -4.48 -23.97 9.44
C PHE A 222 -5.83 -24.10 8.78
N ASN A 223 -6.92 -23.69 9.43
CA ASN A 223 -8.21 -23.77 8.77
C ASN A 223 -8.22 -22.77 7.63
N HIS A 224 -8.72 -23.20 6.47
CA HIS A 224 -8.71 -22.39 5.24
CA HIS A 224 -8.73 -22.38 5.26
C HIS A 224 -9.60 -21.14 5.39
N ARG A 225 -10.55 -21.20 6.31
CA ARG A 225 -11.56 -20.15 6.39
C ARG A 225 -11.05 -18.77 6.78
N TRP A 226 -9.86 -18.69 7.33
CA TRP A 226 -9.27 -17.38 7.56
C TRP A 226 -8.75 -16.71 6.29
N TRP A 227 -8.42 -17.52 5.29
CA TRP A 227 -7.58 -17.10 4.15
C TRP A 227 -8.41 -16.85 2.90
N GLY A 228 -8.69 -15.59 2.61
CA GLY A 228 -9.47 -15.19 1.46
C GLY A 228 -8.55 -14.89 0.29
N GLY A 229 -9.15 -14.39 -0.79
CA GLY A 229 -8.38 -14.00 -1.97
C GLY A 229 -7.91 -15.24 -2.69
N GLN A 230 -7.05 -15.06 -3.66
CA GLN A 230 -6.52 -16.15 -4.38
C GLN A 230 -5.01 -15.97 -4.49
N PRO A 231 -4.24 -16.74 -3.71
CA PRO A 231 -2.81 -16.62 -3.82
C PRO A 231 -2.22 -17.19 -5.08
N LEU A 232 -1.00 -16.75 -5.34
CA LEU A 232 -0.34 -17.00 -6.60
C LEU A 232 -0.28 -18.48 -6.96
N TRP A 233 -0.05 -19.34 -5.96
CA TRP A 233 0.08 -20.77 -6.25
C TRP A 233 -1.26 -21.34 -6.77
N ILE A 234 -2.37 -20.79 -6.31
CA ILE A 234 -3.72 -21.23 -6.74
C ILE A 234 -4.05 -20.65 -8.11
N THR A 235 -3.72 -19.38 -8.30
CA THR A 235 -3.79 -18.74 -9.62
C THR A 235 -3.01 -19.56 -10.66
N ALA A 236 -1.80 -19.95 -10.32
CA ALA A 236 -0.99 -20.74 -11.21
C ALA A 236 -1.69 -22.06 -11.52
N THR A 237 -2.05 -22.81 -10.50
CA THR A 237 -2.61 -24.16 -10.68
C THR A 237 -3.90 -24.14 -11.51
N LYS A 238 -4.83 -23.25 -11.16
CA LYS A 238 -6.06 -23.05 -11.92
C LYS A 238 -5.86 -22.79 -13.41
N GLN A 239 -4.74 -22.21 -13.81
CA GLN A 239 -4.47 -21.90 -15.20
C GLN A 239 -3.41 -22.80 -15.79
N GLY A 240 -3.15 -23.92 -15.14
CA GLY A 240 -2.32 -24.97 -15.71
C GLY A 240 -0.84 -24.68 -15.61
N VAL A 241 -0.44 -23.83 -14.65
CA VAL A 241 0.95 -23.63 -14.36
C VAL A 241 1.20 -24.28 -12.98
N ARG A 242 2.08 -25.26 -12.95
CA ARG A 242 2.34 -26.04 -11.73
C ARG A 242 3.21 -25.26 -10.75
N ALA A 243 2.88 -25.39 -9.47
CA ALA A 243 3.56 -24.64 -8.43
C ALA A 243 4.21 -25.55 -7.39
N GLY A 244 5.45 -25.20 -7.03
CA GLY A 244 6.06 -25.67 -5.79
C GLY A 244 5.19 -25.35 -4.59
N THR A 245 5.28 -26.15 -3.53
CA THR A 245 4.53 -25.80 -2.32
C THR A 245 5.33 -24.65 -1.65
N PHE A 246 4.70 -23.51 -1.38
CA PHE A 246 5.45 -22.27 -0.93
C PHE A 246 5.95 -22.31 0.52
N PHE A 247 5.14 -22.96 1.37
CA PHE A 247 5.36 -23.00 2.81
C PHE A 247 6.39 -24.05 3.17
N TRP A 248 7.13 -23.81 4.25
CA TRP A 248 8.16 -24.74 4.72
C TRP A 248 7.99 -24.90 6.23
N SER A 249 7.90 -26.14 6.71
CA SER A 249 7.92 -26.35 8.17
C SER A 249 9.19 -25.81 8.75
N VAL A 250 9.13 -25.22 9.96
CA VAL A 250 10.28 -24.51 10.55
C VAL A 250 11.54 -25.37 10.74
N SER A 251 11.37 -26.64 11.13
CA SER A 251 12.52 -27.51 11.37
C SER A 251 13.27 -27.94 10.12
N ILE A 252 12.70 -27.74 8.92
CA ILE A 252 13.45 -28.06 7.70
C ILE A 252 14.55 -27.03 7.51
N PRO A 253 15.81 -27.46 7.51
CA PRO A 253 16.85 -26.45 7.41
C PRO A 253 16.94 -25.84 6.00
N HIS A 254 17.52 -24.65 5.94
CA HIS A 254 17.58 -23.84 4.72
C HIS A 254 18.29 -24.55 3.58
N GLU A 255 19.32 -25.30 3.91
CA GLU A 255 20.07 -26.04 2.89
C GLU A 255 19.19 -27.11 2.19
N ARG A 256 18.33 -27.75 2.97
CA ARG A 256 17.42 -28.76 2.46
C ARG A 256 16.25 -28.10 1.69
N ARG A 257 15.85 -26.89 2.05
CA ARG A 257 14.82 -26.18 1.25
C ARG A 257 15.39 -25.92 -0.14
N ILE A 258 16.61 -25.41 -0.18
CA ILE A 258 17.25 -25.10 -1.44
C ILE A 258 17.42 -26.39 -2.28
N LEU A 259 17.95 -27.43 -1.67
CA LEU A 259 18.16 -28.70 -2.41
C LEU A 259 16.84 -29.30 -2.93
N THR A 260 15.76 -29.11 -2.17
CA THR A 260 14.45 -29.52 -2.62
C THR A 260 13.97 -28.74 -3.87
N ILE A 261 14.17 -27.41 -3.86
CA ILE A 261 13.80 -26.59 -5.02
C ILE A 261 14.60 -27.05 -6.23
N LEU A 262 15.91 -27.19 -6.07
CA LEU A 262 16.78 -27.65 -7.15
C LEU A 262 16.42 -29.06 -7.66
N GLN A 263 15.99 -29.95 -6.78
CA GLN A 263 15.53 -31.30 -7.19
C GLN A 263 14.23 -31.22 -8.02
N TRP A 264 13.27 -30.44 -7.53
CA TRP A 264 12.03 -30.22 -8.29
C TRP A 264 12.32 -29.64 -9.66
N LEU A 265 13.34 -28.80 -9.75
CA LEU A 265 13.75 -28.24 -11.03
C LEU A 265 14.35 -29.27 -12.01
N SER A 266 14.77 -30.44 -11.53
CA SER A 266 15.21 -31.58 -12.36
C SER A 266 14.10 -32.55 -12.74
N LEU A 267 12.86 -32.35 -12.26
CA LEU A 267 11.77 -33.23 -12.62
C LEU A 267 11.51 -33.18 -14.14
N PRO A 268 10.89 -34.23 -14.70
CA PRO A 268 10.50 -34.24 -16.14
C PRO A 268 9.56 -33.09 -16.48
N ASP A 269 9.61 -32.65 -17.72
CA ASP A 269 8.88 -31.44 -18.15
C ASP A 269 7.47 -31.40 -17.69
N ASN A 270 6.77 -32.52 -17.84
CA ASN A 270 5.38 -32.57 -17.48
C ASN A 270 5.12 -32.54 -15.95
N GLU A 271 6.11 -32.84 -15.11
CA GLU A 271 5.94 -32.84 -13.65
C GLU A 271 6.56 -31.62 -12.94
N ARG A 272 7.41 -30.87 -13.62
CA ARG A 272 8.23 -29.81 -13.00
C ARG A 272 7.42 -28.51 -12.76
N PRO A 273 7.42 -27.98 -11.52
CA PRO A 273 6.75 -26.68 -11.36
C PRO A 273 7.45 -25.55 -12.06
N SER A 274 6.68 -24.52 -12.40
CA SER A 274 7.21 -23.27 -12.93
C SER A 274 7.37 -22.17 -11.86
N VAL A 275 6.76 -22.32 -10.69
CA VAL A 275 6.90 -21.28 -9.67
C VAL A 275 7.23 -21.92 -8.33
N TYR A 276 8.17 -21.29 -7.60
CA TYR A 276 8.69 -21.80 -6.35
C TYR A 276 8.87 -20.67 -5.37
N ALA A 277 8.78 -21.00 -4.08
CA ALA A 277 9.22 -20.06 -3.03
C ALA A 277 10.16 -20.72 -2.02
N PHE A 278 11.15 -19.93 -1.63
CA PHE A 278 11.94 -20.15 -0.45
C PHE A 278 11.56 -19.09 0.59
N TYR A 279 11.57 -19.46 1.87
CA TYR A 279 11.34 -18.54 2.97
C TYR A 279 12.42 -18.73 4.03
N SER A 280 12.99 -17.60 4.49
CA SER A 280 13.84 -17.56 5.67
C SER A 280 13.23 -16.76 6.81
N GLU A 281 13.31 -17.33 8.02
CA GLU A 281 12.82 -16.72 9.26
C GLU A 281 13.76 -15.62 9.74
N GLN A 282 14.95 -15.56 9.15
CA GLN A 282 15.97 -14.58 9.41
C GLN A 282 15.92 -13.49 8.31
N PRO A 283 16.37 -12.28 8.61
CA PRO A 283 17.00 -11.90 9.87
C PRO A 283 16.03 -11.51 11.00
N ASP A 284 14.72 -11.57 10.77
CA ASP A 284 13.75 -11.21 11.78
C ASP A 284 14.03 -11.84 13.15
N PHE A 285 14.33 -13.15 13.17
CA PHE A 285 14.43 -13.89 14.43
C PHE A 285 15.46 -13.25 15.34
N SER A 286 16.63 -12.99 14.78
CA SER A 286 17.71 -12.32 15.48
C SER A 286 17.42 -10.86 15.73
N GLY A 287 16.79 -10.20 14.76
CA GLY A 287 16.44 -8.77 14.88
C GLY A 287 15.62 -8.47 16.12
N HIS A 288 14.66 -9.34 16.43
CA HIS A 288 13.88 -9.19 17.63
C HIS A 288 14.74 -9.22 18.89
N LYS A 289 15.73 -10.12 18.89
CA LYS A 289 16.59 -10.32 20.05
C LYS A 289 17.61 -9.20 20.21
N TYR A 290 18.17 -8.71 19.11
CA TYR A 290 19.36 -7.85 19.16
C TYR A 290 19.14 -6.44 18.64
N GLY A 291 17.92 -6.10 18.23
CA GLY A 291 17.66 -4.87 17.46
C GLY A 291 18.17 -4.93 16.01
N PRO A 292 17.75 -3.96 15.17
CA PRO A 292 18.01 -4.03 13.73
C PRO A 292 19.46 -3.99 13.35
N PHE A 293 20.28 -3.24 14.10
CA PHE A 293 21.71 -3.13 13.81
C PHE A 293 22.61 -3.62 14.94
N GLY A 294 22.06 -4.46 15.79
CA GLY A 294 22.87 -5.12 16.82
C GLY A 294 24.09 -5.80 16.22
N PRO A 295 25.23 -5.80 16.95
CA PRO A 295 26.41 -6.50 16.42
C PRO A 295 26.14 -7.97 16.07
N GLU A 296 25.14 -8.57 16.70
CA GLU A 296 24.80 -9.96 16.44
C GLU A 296 24.11 -10.16 15.07
N MET A 297 23.80 -9.06 14.36
CA MET A 297 23.04 -9.15 13.11
C MET A 297 23.91 -9.43 11.90
N THR A 298 25.21 -9.15 11.97
CA THR A 298 26.12 -9.44 10.87
C THR A 298 26.05 -10.92 10.44
N ASN A 299 26.06 -11.84 11.40
CA ASN A 299 26.10 -13.28 11.01
C ASN A 299 24.81 -13.78 10.32
N PRO A 300 23.62 -13.41 10.82
CA PRO A 300 22.42 -13.81 10.09
C PRO A 300 22.39 -13.24 8.64
N LEU A 301 22.91 -12.04 8.41
CA LEU A 301 23.03 -11.52 7.04
C LEU A 301 24.04 -12.31 6.22
N ARG A 302 25.17 -12.70 6.82
CA ARG A 302 26.10 -13.60 6.17
C ARG A 302 25.44 -14.92 5.77
N GLU A 303 24.64 -15.48 6.67
CA GLU A 303 24.04 -16.79 6.42
C GLU A 303 22.99 -16.73 5.30
N ILE A 304 22.17 -15.69 5.27
CA ILE A 304 21.17 -15.54 4.21
C ILE A 304 21.90 -15.39 2.86
N ASP A 305 22.96 -14.59 2.81
CA ASP A 305 23.70 -14.46 1.58
C ASP A 305 24.28 -15.78 1.08
N LYS A 306 24.80 -16.59 1.99
CA LYS A 306 25.32 -17.91 1.68
C LYS A 306 24.23 -18.76 1.02
N THR A 307 23.03 -18.74 1.60
CA THR A 307 21.92 -19.48 1.06
C THR A 307 21.58 -19.01 -0.37
N VAL A 308 21.58 -17.70 -0.59
CA VAL A 308 21.39 -17.17 -1.94
C VAL A 308 22.45 -17.74 -2.87
N GLY A 309 23.68 -17.75 -2.40
CA GLY A 309 24.81 -18.33 -3.13
C GLY A 309 24.59 -19.80 -3.45
N GLN A 310 24.09 -20.57 -2.47
CA GLN A 310 23.74 -21.99 -2.73
C GLN A 310 22.77 -22.14 -3.89
N LEU A 311 21.72 -21.32 -3.87
CA LEU A 311 20.72 -21.32 -4.90
C LEU A 311 21.32 -20.95 -6.25
N MET A 312 22.06 -19.86 -6.31
CA MET A 312 22.61 -19.43 -7.59
C MET A 312 23.64 -20.43 -8.14
N ASP A 313 24.49 -21.00 -7.28
CA ASP A 313 25.42 -22.05 -7.70
C ASP A 313 24.66 -23.26 -8.22
N GLY A 314 23.61 -23.66 -7.51
CA GLY A 314 22.76 -24.76 -7.88
C GLY A 314 22.03 -24.57 -9.19
N LEU A 315 21.54 -23.35 -9.43
CA LEU A 315 20.99 -22.99 -10.72
C LEU A 315 22.05 -23.06 -11.83
N LYS A 316 23.24 -22.54 -11.57
CA LYS A 316 24.30 -22.49 -12.59
C LYS A 316 24.69 -23.92 -13.00
N GLN A 317 24.80 -24.84 -12.04
CA GLN A 317 25.02 -26.28 -12.32
C GLN A 317 23.98 -26.87 -13.22
N LEU A 318 22.72 -26.48 -13.00
CA LEU A 318 21.65 -26.98 -13.80
C LEU A 318 21.48 -26.21 -15.09
N ARG A 319 22.42 -25.33 -15.45
CA ARG A 319 22.30 -24.40 -16.58
C ARG A 319 20.99 -23.60 -16.56
N LEU A 320 20.54 -23.18 -15.36
CA LEU A 320 19.30 -22.40 -15.22
C LEU A 320 19.50 -20.96 -14.77
N HIS A 321 20.74 -20.55 -14.58
CA HIS A 321 21.06 -19.27 -14.00
C HIS A 321 20.83 -18.10 -14.94
N ARG A 322 20.68 -18.35 -16.24
CA ARG A 322 20.29 -17.34 -17.21
C ARG A 322 18.93 -17.68 -17.80
N CYS A 323 18.16 -18.48 -17.07
CA CYS A 323 16.80 -18.92 -17.43
C CYS A 323 15.75 -18.51 -16.37
N VAL A 324 16.07 -18.69 -15.09
CA VAL A 324 15.11 -18.43 -13.99
C VAL A 324 15.02 -16.95 -13.67
N ASN A 325 13.80 -16.49 -13.40
CA ASN A 325 13.66 -15.16 -12.82
C ASN A 325 13.64 -15.36 -11.33
N VAL A 326 14.46 -14.57 -10.65
CA VAL A 326 14.56 -14.64 -9.18
C VAL A 326 14.08 -13.32 -8.59
N ILE A 327 13.21 -13.40 -7.59
CA ILE A 327 12.79 -12.25 -6.80
C ILE A 327 13.33 -12.46 -5.36
N PHE A 328 14.04 -11.45 -4.87
CA PHE A 328 14.49 -11.35 -3.48
C PHE A 328 13.64 -10.25 -2.85
N VAL A 329 12.78 -10.65 -1.92
CA VAL A 329 11.80 -9.77 -1.38
C VAL A 329 11.62 -9.96 0.12
N GLY A 330 11.42 -8.85 0.85
CA GLY A 330 11.17 -8.93 2.28
C GLY A 330 9.71 -8.69 2.59
N ASP A 331 9.28 -9.03 3.79
CA ASP A 331 7.91 -8.79 4.22
C ASP A 331 7.74 -7.45 4.96
N HIS A 332 8.75 -7.09 5.77
CA HIS A 332 8.77 -5.84 6.56
C HIS A 332 10.19 -5.64 7.09
N GLY A 333 10.42 -4.46 7.65
CA GLY A 333 11.67 -4.11 8.32
C GLY A 333 11.68 -4.43 9.81
N MET A 334 12.42 -3.64 10.59
CA MET A 334 12.63 -3.92 12.02
C MET A 334 13.11 -2.63 12.68
N GLU A 335 12.53 -2.30 13.84
CA GLU A 335 12.83 -1.08 14.56
C GLU A 335 13.36 -1.45 15.96
N ASP A 336 14.13 -0.55 16.55
CA ASP A 336 14.50 -0.64 18.00
C ASP A 336 13.32 -0.43 18.91
N VAL A 337 12.99 -1.46 19.69
CA VAL A 337 11.89 -1.42 20.62
C VAL A 337 12.33 -2.23 21.85
N THR A 338 12.19 -1.67 23.05
CA THR A 338 12.50 -2.39 24.30
C THR A 338 11.36 -2.28 25.28
N CYS A 339 11.31 -3.21 26.24
CA CYS A 339 10.25 -3.27 27.27
C CYS A 339 10.04 -1.96 27.99
N ASP A 340 11.10 -1.20 28.25
CA ASP A 340 10.90 0.06 28.99
C ASP A 340 10.13 1.11 28.19
N ARG A 341 10.10 1.02 26.86
CA ARG A 341 9.25 1.91 26.05
C ARG A 341 7.91 1.26 25.81
N THR A 342 7.13 1.09 26.88
CA THR A 342 5.80 0.56 26.80
C THR A 342 4.85 1.51 27.52
N GLU A 343 3.75 1.84 26.84
CA GLU A 343 2.63 2.58 27.38
C GLU A 343 1.66 1.55 27.89
N PHE A 344 1.09 1.80 29.07
CA PHE A 344 0.10 0.89 29.64
C PHE A 344 -1.25 1.55 29.68
N LEU A 345 -2.26 0.85 29.21
CA LEU A 345 -3.62 1.35 29.23
C LEU A 345 -4.13 1.57 30.66
N SER A 346 -3.62 0.79 31.61
CA SER A 346 -4.09 0.86 32.99
C SER A 346 -3.70 2.20 33.63
N ASN A 347 -2.69 2.89 33.08
CA ASN A 347 -2.46 4.34 33.36
C ASN A 347 -3.47 5.37 32.77
N TYR A 348 -4.45 4.92 31.98
CA TYR A 348 -5.45 5.80 31.36
C TYR A 348 -6.86 5.43 31.68
N LEU A 349 -7.18 4.16 31.82
CA LEU A 349 -8.57 3.74 31.95
C LEU A 349 -8.83 3.33 33.39
N THR A 350 -10.07 3.48 33.82
CA THR A 350 -10.53 2.96 35.11
C THR A 350 -10.93 1.50 34.91
N ASN A 351 -11.76 1.27 33.89
CA ASN A 351 -12.35 -0.03 33.56
C ASN A 351 -11.43 -0.97 32.74
N VAL A 352 -10.15 -1.04 33.10
CA VAL A 352 -9.18 -1.78 32.28
C VAL A 352 -9.40 -3.31 32.15
N ASP A 353 -10.17 -3.91 33.07
CA ASP A 353 -10.56 -5.33 32.97
C ASP A 353 -11.85 -5.61 32.17
N ASP A 354 -12.51 -4.56 31.67
CA ASP A 354 -13.69 -4.73 30.79
C ASP A 354 -13.28 -4.78 29.30
N ILE A 355 -11.99 -4.73 29.00
CA ILE A 355 -11.53 -4.77 27.60
C ILE A 355 -10.52 -5.88 27.33
N THR A 356 -10.37 -6.16 26.04
CA THR A 356 -9.37 -7.06 25.53
C THR A 356 -8.55 -6.21 24.58
N LEU A 357 -7.24 -6.24 24.75
CA LEU A 357 -6.31 -5.58 23.86
C LEU A 357 -5.42 -6.54 23.09
N VAL A 358 -5.36 -6.35 21.77
CA VAL A 358 -4.31 -6.94 20.97
C VAL A 358 -3.14 -5.99 21.06
N PRO A 359 -2.02 -6.42 21.67
CA PRO A 359 -1.03 -5.49 22.10
C PRO A 359 0.16 -5.41 21.18
N GLY A 360 1.04 -4.45 21.49
CA GLY A 360 2.39 -4.40 20.93
C GLY A 360 2.71 -3.16 20.12
N THR A 361 3.17 -3.34 18.86
CA THR A 361 3.46 -2.21 17.98
C THR A 361 2.20 -1.63 17.30
N LEU A 362 1.04 -2.20 17.53
CA LEU A 362 -0.24 -1.57 17.24
C LEU A 362 -1.14 -1.98 18.40
N GLY A 363 -2.25 -1.28 18.57
CA GLY A 363 -3.28 -1.69 19.53
C GLY A 363 -4.63 -1.85 18.88
N ARG A 364 -5.34 -2.90 19.26
CA ARG A 364 -6.70 -3.11 18.86
C ARG A 364 -7.44 -3.47 20.14
N ILE A 365 -8.52 -2.74 20.44
CA ILE A 365 -9.35 -2.89 21.67
C ILE A 365 -10.77 -3.30 21.30
N ARG A 366 -11.32 -4.29 21.99
CA ARG A 366 -12.75 -4.62 21.90
C ARG A 366 -13.21 -4.92 23.33
N ALA A 367 -14.51 -5.09 23.54
CA ALA A 367 -15.07 -5.50 24.84
C ALA A 367 -14.51 -6.85 25.24
N LYS A 368 -14.39 -7.07 26.54
CA LYS A 368 -14.15 -8.40 27.03
C LYS A 368 -15.41 -9.32 26.96
N SER A 369 -16.63 -8.76 26.99
CA SER A 369 -17.90 -9.54 26.79
C SER A 369 -19.04 -8.88 25.94
N ILE A 370 -19.68 -9.63 25.02
CA ILE A 370 -20.85 -9.13 24.21
C ILE A 370 -22.23 -9.24 24.89
N ASN A 371 -22.29 -9.83 26.09
CA ASN A 371 -23.46 -9.74 27.00
C ASN A 371 -23.40 -8.46 27.87
N ASN A 372 -22.37 -7.62 27.65
CA ASN A 372 -22.24 -6.27 28.25
C ASN A 372 -22.84 -5.13 27.37
N SER A 373 -24.09 -4.76 27.66
CA SER A 373 -24.73 -3.55 27.10
C SER A 373 -24.04 -2.25 27.60
N LYS A 374 -23.48 -2.30 28.81
CA LYS A 374 -22.71 -1.18 29.42
C LYS A 374 -21.33 -0.90 28.77
N TYR A 375 -21.10 -1.40 27.55
CA TYR A 375 -19.86 -1.13 26.82
C TYR A 375 -20.05 0.11 25.92
N ASP A 376 -19.09 1.05 26.01
CA ASP A 376 -19.13 2.33 25.27
C ASP A 376 -17.77 2.68 24.64
N PRO A 377 -17.63 2.47 23.32
CA PRO A 377 -16.40 2.88 22.66
C PRO A 377 -16.01 4.37 22.84
N LYS A 378 -17.02 5.25 22.93
CA LYS A 378 -16.78 6.70 23.01
C LYS A 378 -16.01 7.09 24.26
N THR A 379 -16.35 6.45 25.37
CA THR A 379 -15.71 6.75 26.66
C THR A 379 -14.25 6.22 26.68
N ILE A 380 -14.03 5.06 26.05
CA ILE A 380 -12.69 4.50 25.90
C ILE A 380 -11.83 5.43 25.06
N ILE A 381 -12.31 5.85 23.89
CA ILE A 381 -11.56 6.81 23.05
C ILE A 381 -11.19 8.10 23.80
N ALA A 382 -12.16 8.70 24.47
CA ALA A 382 -11.95 9.95 25.18
C ALA A 382 -10.91 9.76 26.28
N ALA A 383 -10.96 8.64 26.98
CA ALA A 383 -9.96 8.38 28.02
C ALA A 383 -8.52 8.18 27.46
N LEU A 384 -8.38 7.83 26.18
CA LEU A 384 -7.05 7.66 25.57
C LEU A 384 -6.53 8.87 24.77
N THR A 385 -7.30 9.94 24.71
CA THR A 385 -7.01 11.04 23.80
C THR A 385 -6.27 12.14 24.49
N CYS A 386 -5.05 12.38 24.01
CA CYS A 386 -4.22 13.50 24.41
C CYS A 386 -4.12 13.63 25.96
N LYS A 387 -4.04 12.50 26.66
CA LYS A 387 -4.12 12.54 28.12
C LYS A 387 -2.79 12.86 28.77
N LYS A 388 -1.69 12.43 28.14
CA LYS A 388 -0.34 12.72 28.63
C LYS A 388 0.42 13.48 27.55
N PRO A 389 1.21 14.48 27.95
CA PRO A 389 1.85 15.35 26.98
C PRO A 389 2.82 14.67 25.98
N ASP A 390 3.49 13.57 26.37
CA ASP A 390 4.41 12.87 25.45
C ASP A 390 3.82 11.60 24.84
N GLN A 391 2.52 11.41 25.01
CA GLN A 391 1.86 10.15 24.75
C GLN A 391 2.37 9.48 23.46
N HIS A 392 2.75 8.21 23.56
CA HIS A 392 3.36 7.51 22.40
C HIS A 392 2.42 6.61 21.61
N PHE A 393 1.12 6.88 21.67
CA PHE A 393 0.13 6.26 20.80
C PHE A 393 -1.03 7.24 20.63
N LYS A 394 -1.80 7.06 19.56
CA LYS A 394 -3.04 7.81 19.33
C LYS A 394 -4.18 6.85 19.02
N PRO A 395 -5.32 6.99 19.71
CA PRO A 395 -6.47 6.19 19.41
C PRO A 395 -7.28 6.73 18.24
N TYR A 396 -7.93 5.81 17.58
CA TYR A 396 -8.76 6.05 16.43
C TYR A 396 -9.90 5.09 16.45
N MET A 397 -11.09 5.53 16.03
CA MET A 397 -12.07 4.59 15.55
C MET A 397 -11.51 4.16 14.18
N LYS A 398 -11.69 2.90 13.80
CA LYS A 398 -11.01 2.39 12.61
C LYS A 398 -11.36 3.16 11.34
N GLN A 399 -12.58 3.67 11.25
CA GLN A 399 -13.00 4.43 10.06
C GLN A 399 -12.30 5.79 9.93
N HIS A 400 -11.74 6.28 11.03
CA HIS A 400 -10.95 7.51 11.04
C HIS A 400 -9.46 7.32 10.82
N LEU A 401 -8.98 6.08 10.75
CA LEU A 401 -7.58 5.88 10.40
C LEU A 401 -7.33 6.50 9.01
N PRO A 402 -6.09 6.95 8.76
CA PRO A 402 -5.74 7.36 7.39
C PRO A 402 -6.10 6.34 6.32
N LYS A 403 -6.72 6.86 5.29
CA LYS A 403 -7.29 6.04 4.27
C LYS A 403 -6.19 5.28 3.56
N ARG A 404 -4.96 5.82 3.54
CA ARG A 404 -3.82 5.15 2.93
C ARG A 404 -3.52 3.79 3.57
N LEU A 405 -3.89 3.59 4.84
CA LEU A 405 -3.69 2.30 5.50
C LEU A 405 -4.68 1.21 5.05
N HIS A 406 -5.85 1.60 4.51
CA HIS A 406 -6.84 0.67 4.01
C HIS A 406 -7.15 -0.39 5.08
N TYR A 407 -7.35 0.05 6.31
CA TYR A 407 -7.38 -0.86 7.43
C TYR A 407 -8.65 -0.71 8.23
N ALA A 408 -9.75 -1.09 7.64
CA ALA A 408 -11.04 -0.97 8.33
C ALA A 408 -12.08 -1.98 7.94
N ASN A 409 -12.15 -2.33 6.66
CA ASN A 409 -13.28 -3.09 6.12
C ASN A 409 -13.17 -4.61 6.33
N ASN A 410 -13.10 -5.00 7.60
CA ASN A 410 -13.10 -6.41 7.98
C ASN A 410 -13.62 -6.52 9.41
N ARG A 411 -14.49 -7.50 9.64
CA ARG A 411 -15.03 -7.76 10.98
C ARG A 411 -13.98 -8.18 11.99
N ARG A 412 -12.81 -8.59 11.53
CA ARG A 412 -11.70 -8.94 12.42
C ARG A 412 -10.86 -7.74 12.87
N ILE A 413 -11.14 -6.55 12.36
CA ILE A 413 -10.42 -5.38 12.77
C ILE A 413 -11.33 -4.71 13.77
N GLU A 414 -10.85 -4.58 14.99
CA GLU A 414 -11.64 -3.98 16.05
C GLU A 414 -11.90 -2.50 15.76
N ASP A 415 -13.09 -2.04 16.21
CA ASP A 415 -13.50 -0.64 16.02
C ASP A 415 -12.49 0.30 16.57
N ILE A 416 -11.90 -0.03 17.71
CA ILE A 416 -10.93 0.83 18.30
C ILE A 416 -9.50 0.40 17.96
N HIS A 417 -8.75 1.37 17.47
CA HIS A 417 -7.38 1.16 17.05
C HIS A 417 -6.46 2.15 17.64
N LEU A 418 -5.27 1.68 18.00
CA LEU A 418 -4.24 2.52 18.50
C LEU A 418 -3.05 2.48 17.55
N LEU A 419 -2.71 3.63 17.00
CA LEU A 419 -1.51 3.74 16.18
CA LEU A 419 -1.53 3.78 16.17
C LEU A 419 -0.39 4.11 17.11
N VAL A 420 0.63 3.27 17.15
CA VAL A 420 1.68 3.37 18.13
C VAL A 420 2.90 4.04 17.51
N ASP A 421 3.52 4.94 18.27
CA ASP A 421 4.71 5.59 17.81
C ASP A 421 5.86 4.61 17.54
N ARG A 422 6.61 4.87 16.47
CA ARG A 422 7.77 4.07 16.19
C ARG A 422 8.64 4.02 17.46
N ARG A 423 9.19 2.84 17.71
CA ARG A 423 10.07 2.57 18.87
CA ARG A 423 10.06 2.53 18.86
C ARG A 423 9.32 2.22 20.15
N TRP A 424 8.00 2.33 20.15
CA TRP A 424 7.20 2.01 21.34
C TRP A 424 6.35 0.80 21.18
N HIS A 425 5.85 0.33 22.33
CA HIS A 425 4.81 -0.69 22.48
C HIS A 425 3.67 -0.11 23.28
N VAL A 426 2.49 -0.73 23.15
CA VAL A 426 1.37 -0.54 24.07
C VAL A 426 0.98 -1.90 24.65
N ALA A 427 0.68 -1.92 25.96
CA ALA A 427 0.14 -3.10 26.66
C ALA A 427 -1.01 -2.69 27.58
N ARG A 428 -1.74 -3.68 28.07
CA ARG A 428 -2.94 -3.43 28.85
C ARG A 428 -2.51 -3.01 30.30
N LYS A 429 -1.76 -3.89 30.95
CA LYS A 429 -1.33 -3.75 32.35
CA LYS A 429 -1.29 -3.64 32.31
C LYS A 429 0.16 -4.08 32.43
N PRO A 430 0.87 -3.57 33.45
CA PRO A 430 2.24 -4.02 33.66
C PRO A 430 2.42 -5.54 33.75
N LEU A 431 1.49 -6.26 34.39
CA LEU A 431 1.62 -7.74 34.50
C LEU A 431 1.83 -8.43 33.14
N ASP A 432 1.19 -7.91 32.09
CA ASP A 432 1.31 -8.49 30.73
C ASP A 432 2.72 -8.50 30.12
N VAL A 433 3.59 -7.62 30.59
CA VAL A 433 4.95 -7.48 30.10
C VAL A 433 6.03 -8.24 30.95
N TYR A 434 5.80 -8.45 32.26
CA TYR A 434 6.69 -9.33 33.11
C TYR A 434 6.15 -10.76 33.38
N LYS A 435 4.82 -10.95 33.28
CA LYS A 435 4.17 -12.29 33.29
C LYS A 435 3.74 -12.71 31.87
N LYS A 436 4.70 -12.69 30.94
CA LYS A 436 4.55 -13.19 29.54
C LYS A 436 5.78 -14.06 29.17
N CYS A 441 14.08 -7.61 30.73
CA CYS A 441 13.48 -7.52 29.40
C CYS A 441 14.10 -8.43 28.34
N PHE A 442 13.22 -9.05 27.55
CA PHE A 442 13.62 -10.06 26.59
C PHE A 442 14.28 -9.38 25.36
N PHE A 443 13.49 -8.56 24.69
CA PHE A 443 13.68 -8.17 23.26
C PHE A 443 14.24 -6.77 23.04
N GLN A 444 14.84 -6.57 21.88
CA GLN A 444 15.37 -5.27 21.48
C GLN A 444 14.94 -4.78 20.11
N GLY A 445 14.16 -5.55 19.38
CA GLY A 445 13.64 -5.09 18.10
C GLY A 445 12.20 -5.52 17.94
N ASP A 446 11.44 -4.76 17.16
CA ASP A 446 10.09 -5.22 16.80
C ASP A 446 9.61 -4.47 15.55
N HIS A 447 8.41 -4.77 15.10
CA HIS A 447 7.90 -4.17 13.87
C HIS A 447 6.39 -4.32 13.94
N GLY A 448 5.68 -3.71 12.98
CA GLY A 448 4.22 -3.62 12.98
C GLY A 448 3.64 -2.22 12.84
N PHE A 449 4.49 -1.19 12.99
CA PHE A 449 4.08 0.21 12.93
C PHE A 449 3.57 0.59 11.52
N ASP A 450 2.92 1.75 11.49
CA ASP A 450 2.54 2.49 10.26
C ASP A 450 3.50 2.15 9.11
N ASN A 451 2.94 1.80 7.95
CA ASN A 451 3.76 1.31 6.85
C ASN A 451 4.52 2.38 6.11
N LYS A 452 4.39 3.64 6.49
CA LYS A 452 5.23 4.70 5.93
CA LYS A 452 5.24 4.68 5.90
C LYS A 452 6.52 4.93 6.71
N VAL A 453 6.64 4.33 7.90
CA VAL A 453 7.83 4.51 8.75
C VAL A 453 9.09 3.91 8.11
N ASN A 454 10.19 4.66 8.07
CA ASN A 454 11.38 4.22 7.38
C ASN A 454 11.88 2.87 7.85
N SER A 455 11.92 2.66 9.17
CA SER A 455 12.46 1.44 9.70
C SER A 455 11.64 0.20 9.26
N MET A 456 10.36 0.39 8.91
CA MET A 456 9.54 -0.75 8.45
C MET A 456 9.70 -1.09 6.97
N GLN A 457 10.40 -0.28 6.20
CA GLN A 457 10.48 -0.50 4.77
C GLN A 457 11.33 -1.74 4.53
N THR A 458 11.05 -2.42 3.43
CA THR A 458 11.74 -3.67 3.15
C THR A 458 12.31 -3.63 1.73
N VAL A 459 12.66 -4.80 1.18
CA VAL A 459 13.50 -4.88 -0.01
CA VAL A 459 13.53 -4.95 0.02
C VAL A 459 12.82 -5.54 -1.20
N PHE A 460 13.25 -5.11 -2.40
CA PHE A 460 12.86 -5.82 -3.66
C PHE A 460 14.04 -5.79 -4.64
N VAL A 461 14.39 -6.96 -5.13
CA VAL A 461 15.30 -7.15 -6.25
C VAL A 461 14.65 -8.18 -7.17
N GLY A 462 14.69 -7.92 -8.48
CA GLY A 462 14.26 -8.89 -9.50
C GLY A 462 15.45 -9.12 -10.43
N TYR A 463 15.81 -10.38 -10.66
CA TYR A 463 16.96 -10.73 -11.49
C TYR A 463 16.59 -11.86 -12.42
N GLY A 464 16.86 -11.66 -13.71
CA GLY A 464 16.59 -12.71 -14.67
C GLY A 464 16.30 -12.16 -16.06
N PRO A 465 15.92 -13.06 -16.97
CA PRO A 465 15.72 -12.63 -18.36
C PRO A 465 14.58 -11.67 -18.52
N THR A 466 13.54 -11.80 -17.69
CA THR A 466 12.36 -10.96 -17.85
C THR A 466 12.48 -9.61 -17.13
N PHE A 467 13.31 -9.50 -16.09
CA PHE A 467 13.61 -8.20 -15.50
C PHE A 467 14.64 -7.42 -16.29
N LYS A 468 14.69 -6.12 -16.04
CA LYS A 468 15.69 -5.28 -16.68
CA LYS A 468 15.68 -5.25 -16.68
C LYS A 468 17.07 -5.48 -16.10
N TYR A 469 18.06 -4.99 -16.82
CA TYR A 469 19.46 -5.13 -16.53
C TYR A 469 19.96 -3.86 -15.85
N ARG A 470 20.67 -3.99 -14.75
CA ARG A 470 21.24 -2.85 -14.00
C ARG A 470 20.32 -1.64 -13.87
N THR A 471 19.10 -1.86 -13.38
CA THR A 471 18.09 -0.84 -13.45
C THR A 471 17.59 -0.54 -12.06
N LYS A 472 17.56 0.74 -11.71
N LYS A 472 17.55 0.74 -11.73
CA LYS A 472 16.94 1.19 -10.46
CA LYS A 472 16.95 1.20 -10.48
C LYS A 472 15.53 1.64 -10.78
C LYS A 472 15.53 1.65 -10.78
N VAL A 473 14.57 1.24 -9.96
CA VAL A 473 13.20 1.70 -10.08
C VAL A 473 12.81 2.43 -8.80
N PRO A 474 11.83 3.33 -8.89
CA PRO A 474 11.35 3.98 -7.67
C PRO A 474 10.72 3.03 -6.68
N PRO A 475 10.66 3.42 -5.40
CA PRO A 475 10.01 2.60 -4.39
C PRO A 475 8.57 2.39 -4.76
N PHE A 476 8.06 1.20 -4.45
CA PHE A 476 6.68 0.85 -4.77
C PHE A 476 6.09 0.00 -3.67
N GLU A 477 4.78 -0.23 -3.75
CA GLU A 477 4.08 -0.97 -2.72
C GLU A 477 3.98 -2.45 -3.01
N ASN A 478 4.09 -3.26 -1.95
CA ASN A 478 4.09 -4.69 -2.14
C ASN A 478 2.83 -5.28 -2.74
N ILE A 479 1.70 -4.58 -2.58
CA ILE A 479 0.46 -4.99 -3.21
C ILE A 479 0.56 -5.09 -4.76
N GLU A 480 1.52 -4.42 -5.36
CA GLU A 480 1.75 -4.41 -6.82
C GLU A 480 2.42 -5.67 -7.36
N LEU A 481 3.06 -6.47 -6.52
CA LEU A 481 3.92 -7.54 -7.02
C LEU A 481 3.16 -8.75 -7.55
N TYR A 482 2.01 -9.09 -6.95
CA TYR A 482 1.19 -10.17 -7.48
C TYR A 482 0.94 -10.07 -9.01
N ASN A 483 0.53 -8.88 -9.46
CA ASN A 483 0.32 -8.68 -10.91
C ASN A 483 1.60 -9.03 -11.70
N VAL A 484 2.72 -8.57 -11.19
CA VAL A 484 3.98 -8.74 -11.89
C VAL A 484 4.37 -10.19 -11.88
N MET A 485 4.20 -10.88 -10.75
CA MET A 485 4.50 -12.29 -10.73
C MET A 485 3.57 -13.08 -11.71
N CYS A 486 2.30 -12.67 -11.82
CA CYS A 486 1.40 -13.28 -12.78
C CYS A 486 1.92 -13.03 -14.20
N ASP A 487 2.37 -11.81 -14.49
CA ASP A 487 2.95 -11.45 -15.82
C ASP A 487 4.17 -12.33 -16.10
N LEU A 488 4.98 -12.54 -15.09
CA LEU A 488 6.17 -13.36 -15.20
C LEU A 488 5.90 -14.80 -15.58
N LEU A 489 4.72 -15.30 -15.27
CA LEU A 489 4.32 -16.66 -15.51
C LEU A 489 3.25 -16.81 -16.57
N GLY A 490 2.91 -15.73 -17.27
CA GLY A 490 1.86 -15.71 -18.29
C GLY A 490 0.47 -15.98 -17.71
N LEU A 491 0.22 -15.54 -16.49
CA LEU A 491 -1.04 -15.79 -15.82
C LEU A 491 -1.92 -14.57 -15.86
N LYS A 492 -3.22 -14.79 -15.86
CA LYS A 492 -4.16 -13.71 -15.70
C LYS A 492 -4.40 -13.50 -14.20
N PRO A 493 -4.08 -12.32 -13.67
CA PRO A 493 -4.23 -12.22 -12.21
C PRO A 493 -5.67 -12.21 -11.71
N ALA A 494 -5.95 -12.84 -10.59
CA ALA A 494 -7.24 -12.64 -9.95
C ALA A 494 -7.45 -11.13 -9.57
N PRO A 495 -8.69 -10.69 -9.42
CA PRO A 495 -8.97 -9.32 -9.07
C PRO A 495 -8.20 -8.90 -7.79
N ASN A 496 -7.44 -7.81 -7.84
CA ASN A 496 -6.62 -7.43 -6.65
C ASN A 496 -6.41 -5.91 -6.52
N ASN A 497 -5.61 -5.48 -5.54
CA ASN A 497 -5.47 -4.07 -5.25
C ASN A 497 -4.26 -3.43 -5.87
N GLY A 498 -3.47 -4.20 -6.60
CA GLY A 498 -2.45 -3.60 -7.46
C GLY A 498 -3.11 -2.81 -8.58
N THR A 499 -2.30 -2.02 -9.26
CA THR A 499 -2.69 -1.25 -10.44
C THR A 499 -1.86 -1.81 -11.58
N HIS A 500 -2.46 -2.67 -12.39
CA HIS A 500 -1.71 -3.51 -13.34
C HIS A 500 -1.16 -2.64 -14.47
N GLY A 501 0.16 -2.63 -14.63
CA GLY A 501 0.81 -1.67 -15.50
C GLY A 501 1.69 -0.71 -14.75
N SER A 502 1.42 -0.48 -13.46
CA SER A 502 2.21 0.47 -12.70
C SER A 502 3.65 0.00 -12.50
N LEU A 503 3.90 -1.31 -12.58
CA LEU A 503 5.28 -1.84 -12.49
C LEU A 503 5.81 -2.40 -13.79
N ASN A 504 5.18 -2.04 -14.91
CA ASN A 504 5.70 -2.46 -16.20
C ASN A 504 7.14 -2.03 -16.44
N HIS A 505 7.54 -0.90 -15.85
CA HIS A 505 8.92 -0.42 -15.94
C HIS A 505 9.97 -1.30 -15.22
N LEU A 506 9.53 -2.33 -14.51
CA LEU A 506 10.42 -3.33 -13.94
C LEU A 506 10.90 -4.35 -14.97
N LEU A 507 10.17 -4.50 -16.07
CA LEU A 507 10.28 -5.65 -16.94
C LEU A 507 10.87 -5.31 -18.31
N ARG A 508 11.69 -6.23 -18.81
CA ARG A 508 12.27 -6.11 -20.14
C ARG A 508 11.17 -6.37 -21.18
N THR A 509 10.34 -7.38 -20.92
CA THR A 509 9.32 -7.88 -21.85
C THR A 509 8.11 -8.34 -21.00
N ASN A 510 7.22 -9.17 -21.57
CA ASN A 510 6.05 -9.73 -20.85
C ASN A 510 5.14 -8.62 -20.31
N THR A 511 5.33 -7.36 -20.74
CA THR A 511 4.58 -6.28 -20.14
C THR A 511 3.08 -6.58 -20.53
N PHE A 512 2.18 -6.20 -19.61
CA PHE A 512 0.72 -6.28 -19.75
C PHE A 512 0.48 -4.99 -20.44
N ARG A 513 -0.47 -4.85 -21.35
CA ARG A 513 -0.67 -3.50 -21.92
C ARG A 513 -1.94 -2.85 -21.36
N PRO A 514 -1.77 -1.95 -20.38
CA PRO A 514 -3.00 -1.44 -19.82
C PRO A 514 -3.53 -0.31 -20.65
N THR A 515 -4.79 -0.02 -20.43
CA THR A 515 -5.54 0.96 -21.20
C THR A 515 -6.44 1.68 -20.24
N MET A 516 -6.79 2.89 -20.63
CA MET A 516 -7.60 3.73 -19.82
C MET A 516 -9.00 3.17 -19.76
N PRO A 517 -9.61 3.20 -18.58
CA PRO A 517 -11.00 2.79 -18.47
C PRO A 517 -11.93 3.76 -19.26
N ASP A 518 -12.99 3.23 -19.85
CA ASP A 518 -13.88 4.07 -20.66
C ASP A 518 -14.70 4.97 -19.73
N GLU A 519 -14.94 6.20 -20.16
CA GLU A 519 -15.83 7.11 -19.45
C GLU A 519 -17.24 6.51 -19.57
N VAL A 520 -17.94 6.47 -18.45
CA VAL A 520 -19.32 6.00 -18.43
C VAL A 520 -20.33 7.13 -18.59
N SER A 521 -20.20 8.23 -17.84
CA SER A 521 -21.12 9.36 -17.99
C SER A 521 -20.47 10.50 -18.72
N ARG A 522 -21.12 11.02 -19.75
CA ARG A 522 -20.61 12.22 -20.38
C ARG A 522 -21.27 13.43 -19.67
N PRO A 523 -20.53 14.52 -19.55
CA PRO A 523 -21.10 15.70 -18.90
C PRO A 523 -22.06 16.45 -19.80
N ASN A 524 -22.91 17.23 -19.15
CA ASN A 524 -23.64 18.34 -19.76
C ASN A 524 -22.81 19.61 -19.63
N TYR A 525 -22.95 20.52 -20.60
CA TYR A 525 -22.33 21.84 -20.59
C TYR A 525 -23.41 22.93 -20.56
N PRO A 526 -24.03 23.16 -19.40
CA PRO A 526 -25.13 24.13 -19.36
C PRO A 526 -24.71 25.56 -19.63
N GLY A 527 -25.57 26.28 -20.34
CA GLY A 527 -25.46 27.73 -20.49
C GLY A 527 -26.40 28.39 -19.48
N ILE A 528 -26.55 29.69 -19.62
CA ILE A 528 -27.40 30.49 -18.75
C ILE A 528 -28.87 30.16 -19.05
N MET A 529 -29.52 29.56 -18.06
CA MET A 529 -30.86 28.98 -18.24
CA MET A 529 -30.87 29.03 -18.28
C MET A 529 -31.92 29.41 -17.24
N TYR A 530 -31.52 30.15 -16.20
CA TYR A 530 -32.39 30.49 -15.07
C TYR A 530 -32.24 31.95 -14.69
N LEU A 531 -33.36 32.62 -14.41
CA LEU A 531 -33.34 33.98 -13.89
C LEU A 531 -33.15 33.94 -12.40
N GLN A 532 -32.42 34.91 -11.87
CA GLN A 532 -32.22 35.08 -10.41
C GLN A 532 -33.47 34.80 -9.56
N SER A 533 -34.59 35.42 -9.93
CA SER A 533 -35.79 35.32 -9.12
C SER A 533 -36.42 33.94 -9.11
N GLU A 534 -35.96 33.01 -9.96
CA GLU A 534 -36.39 31.61 -9.87
C GLU A 534 -35.83 30.87 -8.67
N PHE A 535 -34.83 31.43 -8.03
CA PHE A 535 -34.20 30.78 -6.91
C PHE A 535 -34.79 31.28 -5.60
N ASP A 536 -35.02 30.36 -4.69
CA ASP A 536 -35.35 30.75 -3.34
C ASP A 536 -34.43 29.96 -2.41
N LEU A 537 -33.15 30.29 -2.40
CA LEU A 537 -32.17 29.48 -1.68
C LEU A 537 -31.89 30.03 -0.30
N GLY A 538 -32.37 31.23 -0.01
CA GLY A 538 -32.12 31.89 1.27
C GLY A 538 -30.72 32.47 1.31
N CYS A 539 -30.09 32.62 0.15
CA CYS A 539 -28.75 33.13 0.09
C CYS A 539 -28.79 34.62 -0.17
N THR A 540 -27.72 35.32 0.21
CA THR A 540 -27.57 36.76 -0.02
C THR A 540 -26.14 37.02 -0.38
N CYS A 541 -25.94 38.03 -1.21
CA CYS A 541 -24.60 38.49 -1.52
C CYS A 541 -24.66 39.97 -1.88
N ASP A 542 -23.69 40.73 -1.42
CA ASP A 542 -23.55 42.15 -1.79
C ASP A 542 -22.82 42.23 -3.15
N ASP A 543 -23.51 41.89 -4.23
CA ASP A 543 -22.86 41.84 -5.55
C ASP A 543 -23.53 42.69 -6.65
N LYS A 544 -24.37 43.65 -6.27
CA LYS A 544 -25.05 44.53 -7.25
C LYS A 544 -24.14 45.73 -7.62
N VAL A 545 -23.12 45.50 -8.45
CA VAL A 545 -22.15 46.55 -8.83
C VAL A 545 -21.72 46.42 -10.33
N GLU A 546 -22.25 47.29 -11.19
CA GLU A 546 -22.14 47.21 -12.70
C GLU A 546 -20.74 47.08 -13.31
N ASN A 549 -19.58 47.27 -19.40
CA ASN A 549 -18.45 47.61 -20.26
C ASN A 549 -18.24 46.53 -21.34
N LYS A 550 -18.51 46.86 -22.61
CA LYS A 550 -18.36 45.93 -23.77
C LYS A 550 -17.00 45.19 -23.88
N LEU A 551 -15.90 45.84 -23.47
CA LEU A 551 -14.53 45.25 -23.55
C LEU A 551 -14.47 43.99 -22.64
N GLU A 552 -14.79 44.22 -21.37
CA GLU A 552 -14.81 43.19 -20.32
C GLU A 552 -16.09 42.31 -20.27
N GLU A 553 -17.08 42.59 -21.13
CA GLU A 553 -18.32 41.78 -21.22
C GLU A 553 -18.17 40.58 -22.16
N LEU A 554 -17.49 40.75 -23.31
CA LEU A 554 -17.18 39.60 -24.20
C LEU A 554 -16.22 38.66 -23.47
N ASN A 555 -15.16 39.22 -22.92
CA ASN A 555 -14.12 38.51 -22.15
C ASN A 555 -14.63 37.50 -21.09
N LYS A 556 -15.66 37.89 -20.31
CA LYS A 556 -16.19 37.06 -19.20
C LYS A 556 -17.20 36.00 -19.67
N ARG A 557 -17.91 36.32 -20.77
CA ARG A 557 -18.60 35.32 -21.59
C ARG A 557 -17.64 34.21 -22.02
N LEU A 558 -16.46 34.60 -22.52
CA LEU A 558 -15.47 33.63 -22.98
C LEU A 558 -14.95 32.74 -21.84
N HIS A 559 -14.79 33.30 -20.64
CA HIS A 559 -14.36 32.54 -19.46
C HIS A 559 -15.41 31.51 -19.05
N THR A 560 -16.68 31.89 -19.15
CA THR A 560 -17.81 30.98 -18.88
C THR A 560 -17.98 29.89 -19.90
N LYS A 561 -17.41 30.07 -21.11
CA LYS A 561 -17.44 29.04 -22.18
C LYS A 561 -16.18 28.18 -22.22
N GLY A 562 -15.15 28.52 -21.43
CA GLY A 562 -13.96 27.67 -21.28
C GLY A 562 -12.66 28.18 -21.91
N SER A 563 -12.53 29.49 -22.11
CA SER A 563 -11.34 30.05 -22.76
C SER A 563 -10.06 29.92 -21.91
N THR A 564 -10.18 29.90 -20.58
CA THR A 564 -9.03 29.67 -19.69
C THR A 564 -8.85 28.19 -19.30
N LYS A 565 -9.64 27.28 -19.88
CA LYS A 565 -9.70 25.90 -19.35
C LYS A 565 -8.35 25.16 -19.51
N GLU A 566 -7.58 25.48 -20.55
CA GLU A 566 -6.26 24.82 -20.81
C GLU A 566 -5.26 25.13 -19.68
N ARG A 567 -5.49 26.25 -19.01
CA ARG A 567 -4.69 26.70 -17.90
C ARG A 567 -5.08 25.99 -16.59
N HIS A 568 -6.38 25.84 -16.32
CA HIS A 568 -6.87 25.28 -15.04
C HIS A 568 -7.15 23.77 -15.09
N LEU A 569 -7.34 23.23 -16.28
CA LEU A 569 -7.51 21.83 -16.48
C LEU A 569 -6.33 21.31 -17.29
N LEU A 570 -5.24 20.98 -16.61
CA LEU A 570 -3.98 20.68 -17.32
C LEU A 570 -3.80 19.29 -17.87
N TYR A 571 -4.56 18.34 -17.33
CA TYR A 571 -4.39 16.94 -17.68
C TYR A 571 -5.69 16.31 -18.18
N GLY A 572 -6.54 17.14 -18.76
CA GLY A 572 -7.84 16.73 -19.25
C GLY A 572 -8.85 16.69 -18.16
N ARG A 573 -10.12 16.63 -18.51
CA ARG A 573 -11.06 16.46 -17.42
C ARG A 573 -11.02 15.04 -16.93
N PRO A 574 -11.28 14.85 -15.64
CA PRO A 574 -11.31 13.50 -15.15
C PRO A 574 -12.48 12.77 -15.77
N ALA A 575 -12.36 11.47 -15.99
CA ALA A 575 -13.50 10.69 -16.48
C ALA A 575 -14.31 10.15 -15.33
N VAL A 576 -15.63 10.25 -15.45
CA VAL A 576 -16.57 9.71 -14.50
C VAL A 576 -16.87 8.25 -14.89
N LEU A 577 -16.55 7.32 -14.00
CA LEU A 577 -16.56 5.87 -14.34
C LEU A 577 -17.81 5.15 -13.82
N TYR A 578 -18.84 5.89 -13.48
CA TYR A 578 -20.11 5.33 -13.13
C TYR A 578 -21.21 6.19 -13.76
N ARG A 579 -22.42 5.67 -13.70
CA ARG A 579 -23.60 6.29 -14.29
CA ARG A 579 -23.60 6.29 -14.29
C ARG A 579 -24.14 7.37 -13.34
N THR A 580 -24.22 8.61 -13.82
CA THR A 580 -24.67 9.74 -13.00
C THR A 580 -24.97 10.94 -13.93
N SER A 581 -25.45 12.02 -13.33
CA SER A 581 -25.79 13.23 -14.08
CA SER A 581 -25.80 13.23 -14.07
C SER A 581 -24.94 14.38 -13.55
N TYR A 582 -24.09 14.95 -14.39
CA TYR A 582 -23.23 16.05 -13.92
C TYR A 582 -22.99 17.07 -14.99
N ASP A 583 -22.61 18.28 -14.57
CA ASP A 583 -22.36 19.42 -15.47
C ASP A 583 -20.92 19.88 -15.38
N ILE A 584 -20.31 20.24 -16.50
CA ILE A 584 -19.05 21.01 -16.48
C ILE A 584 -19.39 22.48 -16.37
N LEU A 585 -18.75 23.16 -15.41
CA LEU A 585 -18.88 24.59 -15.20
C LEU A 585 -17.50 25.25 -15.30
N TYR A 586 -17.39 26.17 -16.26
CA TYR A 586 -16.17 26.93 -16.47
C TYR A 586 -16.25 28.29 -15.78
N HIS A 587 -15.10 28.75 -15.31
CA HIS A 587 -14.93 30.06 -14.70
C HIS A 587 -13.55 30.57 -15.04
N THR A 588 -13.35 31.86 -14.86
CA THR A 588 -12.02 32.43 -15.06
C THR A 588 -10.89 31.67 -14.37
N ASP A 589 -11.08 31.31 -13.11
CA ASP A 589 -10.02 30.78 -12.25
C ASP A 589 -10.09 29.27 -11.95
N PHE A 590 -11.17 28.61 -12.34
CA PHE A 590 -11.33 27.19 -12.05
C PHE A 590 -12.40 26.59 -12.91
N GLU A 591 -12.34 25.28 -13.04
CA GLU A 591 -13.34 24.49 -13.74
CA GLU A 591 -13.36 24.52 -13.73
C GLU A 591 -13.85 23.39 -12.80
N SER A 592 -15.12 23.02 -12.91
CA SER A 592 -15.64 21.98 -12.05
C SER A 592 -16.52 21.01 -12.76
N GLY A 593 -16.65 19.82 -12.16
CA GLY A 593 -17.62 18.82 -12.58
C GLY A 593 -18.66 18.76 -11.51
N TYR A 594 -19.82 19.35 -11.76
CA TYR A 594 -20.87 19.52 -10.77
C TYR A 594 -21.96 18.45 -10.85
N SER A 595 -22.13 17.70 -9.75
CA SER A 595 -23.05 16.57 -9.69
C SER A 595 -24.45 17.07 -9.29
N GLU A 596 -25.39 16.78 -10.17
CA GLU A 596 -26.80 17.11 -9.92
C GLU A 596 -27.42 16.14 -8.94
N ILE A 597 -26.73 15.05 -8.64
CA ILE A 597 -27.26 14.06 -7.71
C ILE A 597 -26.80 14.39 -6.29
N PHE A 598 -25.51 14.67 -6.15
CA PHE A 598 -24.93 15.01 -4.84
C PHE A 598 -24.96 16.50 -4.52
N LEU A 599 -25.39 17.32 -5.49
CA LEU A 599 -25.56 18.75 -5.30
C LEU A 599 -24.28 19.52 -4.96
N MET A 600 -23.16 19.02 -5.50
CA MET A 600 -21.89 19.64 -5.29
C MET A 600 -20.89 19.12 -6.28
N PRO A 601 -19.73 19.80 -6.39
CA PRO A 601 -18.80 19.26 -7.38
C PRO A 601 -18.24 17.92 -6.98
N LEU A 602 -18.06 17.05 -7.97
CA LEU A 602 -17.31 15.82 -7.78
C LEU A 602 -15.80 16.17 -7.78
N TRP A 603 -15.45 17.22 -8.51
CA TRP A 603 -14.05 17.67 -8.64
C TRP A 603 -14.07 19.15 -9.04
N THR A 604 -13.02 19.85 -8.64
CA THR A 604 -12.83 21.28 -8.95
C THR A 604 -11.36 21.40 -9.23
N SER A 605 -11.02 21.94 -10.39
CA SER A 605 -9.64 22.00 -10.87
C SER A 605 -9.20 23.45 -11.08
N TYR A 606 -8.00 23.75 -10.60
CA TYR A 606 -7.43 25.06 -10.74
C TYR A 606 -5.90 25.06 -10.63
N THR A 607 -5.30 26.02 -11.31
CA THR A 607 -3.83 26.19 -11.38
C THR A 607 -3.47 27.53 -10.74
N ILE A 608 -2.48 27.46 -9.86
CA ILE A 608 -1.88 28.55 -9.13
C ILE A 608 -0.42 28.62 -9.52
N SER A 609 -0.07 29.66 -10.25
CA SER A 609 1.33 29.86 -10.62
C SER A 609 2.12 30.36 -9.42
N LYS A 610 3.45 30.22 -9.53
CA LYS A 610 4.42 30.69 -8.56
C LYS A 610 4.21 32.17 -8.21
N GLN A 611 3.82 32.95 -9.21
CA GLN A 611 3.70 34.41 -9.05
C GLN A 611 2.34 34.83 -8.49
N ALA A 612 1.38 33.91 -8.38
CA ALA A 612 0.00 34.29 -8.03
C ALA A 612 -0.10 34.85 -6.62
N GLU A 613 -1.04 35.77 -6.40
CA GLU A 613 -1.15 36.49 -5.13
C GLU A 613 -2.37 36.01 -4.33
N VAL A 614 -2.19 36.00 -3.02
CA VAL A 614 -3.26 35.68 -2.06
C VAL A 614 -3.91 36.99 -1.66
N SER A 615 -5.23 36.98 -1.61
CA SER A 615 -6.00 38.14 -1.18
C SER A 615 -7.01 37.70 -0.14
N SER A 616 -7.64 38.65 0.54
CA SER A 616 -8.60 38.34 1.59
C SER A 616 -9.99 38.26 0.98
N ILE A 617 -10.91 37.62 1.68
CA ILE A 617 -12.34 37.75 1.39
C ILE A 617 -12.79 39.14 1.88
N PRO A 618 -13.14 40.05 0.95
CA PRO A 618 -13.56 41.38 1.42
C PRO A 618 -14.70 41.30 2.42
N GLU A 619 -14.77 42.31 3.30
CA GLU A 619 -15.74 42.34 4.40
C GLU A 619 -17.18 42.24 3.90
N HIS A 620 -17.48 42.98 2.82
CA HIS A 620 -18.82 43.03 2.22
C HIS A 620 -19.29 41.67 1.64
N LEU A 621 -18.33 40.78 1.35
CA LEU A 621 -18.59 39.43 0.76
C LEU A 621 -18.42 38.26 1.75
N THR A 622 -18.33 38.55 3.05
CA THR A 622 -18.09 37.55 4.07
C THR A 622 -19.07 36.37 4.04
N ASN A 623 -20.37 36.66 4.00
CA ASN A 623 -21.41 35.62 3.93
C ASN A 623 -22.05 35.51 2.54
N CYS A 624 -21.34 35.98 1.52
CA CYS A 624 -21.88 35.97 0.18
C CYS A 624 -21.98 34.51 -0.36
N VAL A 625 -23.19 34.13 -0.81
CA VAL A 625 -23.41 32.94 -1.66
C VAL A 625 -24.40 33.30 -2.76
N ARG A 626 -24.05 32.97 -3.99
CA ARG A 626 -24.75 33.43 -5.18
C ARG A 626 -25.33 32.24 -5.94
N PRO A 627 -26.64 32.29 -6.29
CA PRO A 627 -27.21 31.28 -7.21
C PRO A 627 -26.45 31.19 -8.54
N ASP A 628 -26.39 29.97 -9.08
CA ASP A 628 -25.71 29.74 -10.34
C ASP A 628 -26.76 29.59 -11.44
N VAL A 629 -26.78 30.56 -12.35
CA VAL A 629 -27.83 30.66 -13.37
C VAL A 629 -27.75 29.58 -14.44
N ARG A 630 -26.66 28.81 -14.44
CA ARG A 630 -26.54 27.60 -15.24
C ARG A 630 -27.19 26.36 -14.66
N VAL A 631 -27.58 26.39 -13.39
CA VAL A 631 -27.99 25.18 -12.66
C VAL A 631 -29.32 25.39 -11.96
N SER A 632 -30.24 24.46 -12.15
CA SER A 632 -31.60 24.68 -11.69
C SER A 632 -31.64 24.87 -10.21
N PRO A 633 -32.63 25.66 -9.73
CA PRO A 633 -32.88 25.72 -8.29
C PRO A 633 -33.01 24.31 -7.69
N GLY A 634 -33.64 23.40 -8.41
CA GLY A 634 -33.87 22.05 -7.92
C GLY A 634 -32.64 21.18 -7.78
N PHE A 635 -31.55 21.54 -8.46
CA PHE A 635 -30.28 20.84 -8.33
C PHE A 635 -29.21 21.69 -7.66
N SER A 636 -29.64 22.61 -6.79
CA SER A 636 -28.74 23.52 -6.06
C SER A 636 -28.80 23.30 -4.56
N GLN A 637 -27.73 23.62 -3.86
CA GLN A 637 -27.78 23.67 -2.42
C GLN A 637 -28.56 24.93 -2.00
N ASN A 638 -28.84 25.07 -0.72
CA ASN A 638 -29.48 26.30 -0.23
C ASN A 638 -28.86 26.71 1.10
N CYS A 639 -28.86 28.02 1.35
CA CYS A 639 -28.28 28.61 2.56
C CYS A 639 -29.09 28.40 3.81
N LEU A 640 -30.40 28.23 3.65
CA LEU A 640 -31.30 28.08 4.78
C LEU A 640 -31.01 26.81 5.56
N ALA A 641 -30.66 25.75 4.83
CA ALA A 641 -30.34 24.47 5.48
C ALA A 641 -29.11 24.63 6.37
N TYR A 642 -28.10 25.35 5.90
CA TYR A 642 -26.91 25.63 6.70
C TYR A 642 -27.22 26.47 7.94
N LYS A 643 -28.13 27.44 7.76
CA LYS A 643 -28.57 28.29 8.87
C LYS A 643 -29.22 27.43 9.96
N ASN A 644 -30.14 26.57 9.57
CA ASN A 644 -30.82 25.67 10.50
C ASN A 644 -30.00 24.54 11.09
N ASP A 645 -28.97 24.09 10.38
CA ASP A 645 -28.07 23.06 10.88
C ASP A 645 -27.04 23.76 11.76
N LYS A 646 -27.25 23.61 13.06
CA LYS A 646 -26.39 24.23 14.05
C LYS A 646 -24.98 23.60 14.13
N GLN A 647 -24.80 22.36 13.63
CA GLN A 647 -23.47 21.70 13.61
C GLN A 647 -22.67 21.97 12.34
N MET A 648 -23.39 22.25 11.26
CA MET A 648 -22.80 22.23 9.94
C MET A 648 -22.71 23.62 9.37
N SER A 649 -21.51 23.97 8.91
CA SER A 649 -21.27 25.23 8.22
C SER A 649 -20.94 24.83 6.76
N TYR A 650 -20.22 25.69 6.05
CA TYR A 650 -19.87 25.42 4.65
C TYR A 650 -18.56 26.05 4.32
N GLY A 651 -17.95 25.56 3.26
CA GLY A 651 -16.71 26.10 2.72
C GLY A 651 -16.80 26.04 1.20
N PHE A 652 -15.69 26.32 0.53
CA PHE A 652 -15.65 26.40 -0.92
C PHE A 652 -14.54 25.55 -1.50
N LEU A 653 -14.76 24.93 -2.66
CA LEU A 653 -13.72 24.07 -3.24
C LEU A 653 -12.61 24.90 -3.87
N PHE A 654 -12.98 25.84 -4.74
CA PHE A 654 -12.01 26.83 -5.26
C PHE A 654 -11.93 27.93 -4.22
N PRO A 655 -10.73 28.23 -3.70
CA PRO A 655 -10.58 29.20 -2.60
C PRO A 655 -10.77 30.67 -3.07
N PRO A 656 -11.74 31.42 -2.50
CA PRO A 656 -11.87 32.88 -2.75
C PRO A 656 -10.56 33.67 -2.61
N TYR A 657 -9.68 33.20 -1.71
CA TYR A 657 -8.39 33.80 -1.46
C TYR A 657 -7.48 33.78 -2.65
N LEU A 658 -7.64 32.84 -3.59
CA LEU A 658 -6.76 32.77 -4.75
C LEU A 658 -7.33 33.28 -6.09
N SER A 659 -8.45 34.00 -6.00
CA SER A 659 -9.03 34.71 -7.16
C SER A 659 -7.98 35.56 -7.88
N SER A 660 -8.10 35.64 -9.20
CA SER A 660 -7.12 36.33 -10.03
C SER A 660 -7.37 37.84 -10.09
N SER A 661 -8.57 38.25 -9.72
CA SER A 661 -8.99 39.64 -9.77
C SER A 661 -10.22 39.78 -8.86
N PRO A 662 -10.50 41.01 -8.36
CA PRO A 662 -11.70 41.24 -7.53
C PRO A 662 -13.01 40.82 -8.20
N GLU A 663 -13.03 40.98 -9.51
CA GLU A 663 -14.14 40.58 -10.33
C GLU A 663 -14.33 39.06 -10.40
N ALA A 664 -13.25 38.34 -10.66
CA ALA A 664 -13.34 36.87 -10.73
C ALA A 664 -13.71 36.29 -9.35
N LYS A 665 -13.38 36.98 -8.27
CA LYS A 665 -13.69 36.51 -6.91
C LYS A 665 -15.16 36.22 -6.73
N TYR A 666 -16.04 36.98 -7.38
CA TYR A 666 -17.49 36.70 -7.30
C TYR A 666 -17.84 35.25 -7.71
N ASP A 667 -17.12 34.70 -8.68
CA ASP A 667 -17.32 33.28 -9.10
C ASP A 667 -17.11 32.27 -7.96
N ALA A 668 -16.15 32.56 -7.08
CA ALA A 668 -15.87 31.63 -5.98
C ALA A 668 -17.02 31.48 -4.95
N PHE A 669 -17.96 32.43 -4.93
CA PHE A 669 -19.05 32.39 -4.00
C PHE A 669 -20.31 31.78 -4.61
N LEU A 670 -20.21 31.26 -5.84
CA LEU A 670 -21.32 30.50 -6.41
C LEU A 670 -21.74 29.34 -5.52
N VAL A 671 -23.04 29.12 -5.46
CA VAL A 671 -23.61 28.00 -4.74
C VAL A 671 -23.11 26.64 -5.25
N THR A 672 -22.67 26.60 -6.51
CA THR A 672 -22.12 25.43 -7.06
C THR A 672 -20.65 25.11 -6.67
N ASN A 673 -19.98 26.01 -5.96
CA ASN A 673 -18.65 25.84 -5.48
C ASN A 673 -18.67 25.52 -3.94
N MET A 674 -19.85 25.49 -3.31
CA MET A 674 -20.03 25.37 -1.86
CA MET A 674 -19.93 25.35 -1.86
C MET A 674 -20.09 23.88 -1.47
N VAL A 675 -19.55 23.54 -0.29
CA VAL A 675 -19.57 22.22 0.23
C VAL A 675 -19.77 22.29 1.71
N PRO A 676 -20.45 21.28 2.27
CA PRO A 676 -20.70 21.28 3.70
C PRO A 676 -19.44 21.00 4.52
N MET A 677 -19.21 21.82 5.55
CA MET A 677 -18.06 21.69 6.40
C MET A 677 -18.35 22.05 7.86
N TYR A 678 -17.98 21.14 8.74
CA TYR A 678 -18.01 21.37 10.19
C TYR A 678 -17.05 22.52 10.48
N PRO A 679 -17.45 23.43 11.39
CA PRO A 679 -16.55 24.50 11.79
C PRO A 679 -15.14 24.02 12.20
N ALA A 680 -15.04 22.92 12.95
CA ALA A 680 -13.70 22.39 13.29
C ALA A 680 -12.86 22.06 12.02
N PHE A 681 -13.49 21.46 11.02
CA PHE A 681 -12.83 21.20 9.76
C PHE A 681 -12.50 22.43 8.97
N LYS A 682 -13.34 23.46 9.03
CA LYS A 682 -13.04 24.71 8.33
C LYS A 682 -11.72 25.33 8.74
N ARG A 683 -11.30 25.14 9.97
CA ARG A 683 -9.97 25.62 10.38
C ARG A 683 -8.86 24.97 9.57
N VAL A 684 -8.98 23.65 9.37
CA VAL A 684 -8.01 22.89 8.56
C VAL A 684 -8.05 23.38 7.09
N TRP A 685 -9.24 23.34 6.51
CA TRP A 685 -9.47 23.74 5.13
C TRP A 685 -9.03 25.16 4.79
N ALA A 686 -9.39 26.11 5.66
CA ALA A 686 -9.04 27.51 5.45
C ALA A 686 -7.52 27.71 5.47
N TYR A 687 -6.81 26.97 6.31
CA TYR A 687 -5.37 27.10 6.41
C TYR A 687 -4.74 26.52 5.16
N PHE A 688 -5.27 25.37 4.73
CA PHE A 688 -4.85 24.74 3.50
C PHE A 688 -5.02 25.70 2.32
N GLN A 689 -6.20 26.27 2.19
CA GLN A 689 -6.46 27.15 1.05
C GLN A 689 -5.75 28.51 1.11
N ARG A 690 -5.58 29.08 2.30
CA ARG A 690 -5.11 30.48 2.42
C ARG A 690 -3.59 30.52 2.42
N VAL A 691 -2.96 29.56 3.10
CA VAL A 691 -1.51 29.52 3.29
C VAL A 691 -0.81 28.43 2.46
N LEU A 692 -1.28 27.18 2.56
CA LEU A 692 -0.52 26.07 2.01
C LEU A 692 -0.51 25.97 0.49
N VAL A 693 -1.65 26.17 -0.17
CA VAL A 693 -1.60 26.16 -1.66
C VAL A 693 -0.52 27.13 -2.20
N LYS A 694 -0.48 28.35 -1.66
CA LYS A 694 0.48 29.35 -2.15
CA LYS A 694 0.49 29.40 -2.04
C LYS A 694 1.92 28.93 -1.85
N LYS A 695 2.17 28.38 -0.66
CA LYS A 695 3.48 27.83 -0.33
C LYS A 695 3.90 26.76 -1.31
N TYR A 696 2.99 25.86 -1.64
CA TYR A 696 3.32 24.79 -2.56
C TYR A 696 3.59 25.37 -3.93
N ALA A 697 2.78 26.36 -4.34
CA ALA A 697 3.03 27.00 -5.63
C ALA A 697 4.41 27.67 -5.62
N SER A 698 4.81 28.29 -4.51
CA SER A 698 6.14 28.93 -4.44
CA SER A 698 6.14 28.94 -4.47
CA SER A 698 6.14 28.93 -4.42
C SER A 698 7.25 27.88 -4.55
N GLU A 699 7.14 26.81 -3.77
CA GLU A 699 8.15 25.76 -3.73
C GLU A 699 8.22 24.91 -5.00
N ARG A 700 7.08 24.68 -5.65
CA ARG A 700 7.08 23.73 -6.77
C ARG A 700 6.98 24.40 -8.13
N ASN A 701 7.00 25.74 -8.13
CA ASN A 701 6.91 26.55 -9.36
C ASN A 701 5.56 26.33 -10.05
N GLY A 702 4.53 26.70 -9.31
CA GLY A 702 3.17 26.47 -9.74
C GLY A 702 2.70 25.10 -9.23
N VAL A 703 1.40 25.05 -8.95
CA VAL A 703 0.68 23.77 -8.79
C VAL A 703 -0.68 23.84 -9.45
N ASN A 704 -1.11 22.69 -9.93
CA ASN A 704 -2.48 22.45 -10.27
C ASN A 704 -3.12 21.62 -9.13
N VAL A 705 -4.32 22.04 -8.72
CA VAL A 705 -5.02 21.43 -7.63
C VAL A 705 -6.35 20.92 -8.18
N ILE A 706 -6.69 19.68 -7.81
CA ILE A 706 -8.02 19.13 -8.00
C ILE A 706 -8.49 18.75 -6.62
N SER A 707 -9.58 19.37 -6.20
CA SER A 707 -10.13 19.09 -4.90
C SER A 707 -11.54 18.57 -5.04
N GLY A 708 -12.00 17.84 -4.02
CA GLY A 708 -13.40 17.44 -4.03
C GLY A 708 -13.78 16.70 -2.79
N PRO A 709 -15.06 16.34 -2.70
CA PRO A 709 -15.60 15.54 -1.64
C PRO A 709 -15.46 14.03 -1.86
N ILE A 710 -15.45 13.28 -0.77
CA ILE A 710 -15.48 11.84 -0.79
C ILE A 710 -16.56 11.38 0.17
N PHE A 711 -17.27 10.33 -0.23
CA PHE A 711 -18.32 9.70 0.62
C PHE A 711 -18.00 8.23 0.76
N ASP A 712 -17.56 7.84 1.98
CA ASP A 712 -17.26 6.45 2.27
C ASP A 712 -17.81 6.12 3.65
N TYR A 713 -19.13 6.17 3.78
CA TYR A 713 -19.77 5.82 5.04
C TYR A 713 -19.65 4.37 5.48
N ASN A 714 -19.47 3.43 4.57
CA ASN A 714 -19.25 2.04 4.97
C ASN A 714 -17.74 1.66 5.02
N TYR A 715 -16.87 2.66 5.00
CA TYR A 715 -15.41 2.48 5.10
C TYR A 715 -14.84 1.30 4.31
N ASP A 716 -15.26 1.15 3.05
CA ASP A 716 -14.73 0.06 2.20
C ASP A 716 -13.68 0.54 1.19
N GLY A 717 -13.32 1.83 1.29
CA GLY A 717 -12.40 2.46 0.39
C GLY A 717 -12.91 2.76 -1.00
N LEU A 718 -14.22 2.58 -1.24
CA LEU A 718 -14.86 2.70 -2.53
C LEU A 718 -15.99 3.75 -2.46
N ARG A 719 -16.20 4.50 -3.57
CA ARG A 719 -17.21 5.53 -3.68
C ARG A 719 -18.57 4.99 -3.20
N ASP A 720 -19.24 5.68 -2.30
CA ASP A 720 -20.59 5.31 -1.88
C ASP A 720 -21.59 5.69 -2.97
N THR A 721 -22.61 4.85 -3.11
CA THR A 721 -23.81 5.20 -3.86
C THR A 721 -24.68 6.10 -2.99
N GLU A 722 -25.60 6.84 -3.61
CA GLU A 722 -26.53 7.77 -2.93
C GLU A 722 -27.17 7.15 -1.73
N ASP A 723 -27.59 5.90 -1.89
CA ASP A 723 -28.38 5.24 -0.85
C ASP A 723 -27.53 4.72 0.29
N GLU A 724 -26.21 4.93 0.27
CA GLU A 724 -25.34 4.58 1.39
C GLU A 724 -25.00 5.75 2.33
N ILE A 725 -25.46 6.95 1.99
CA ILE A 725 -25.14 8.17 2.75
C ILE A 725 -25.93 8.20 4.05
N LYS A 726 -25.21 8.32 5.15
CA LYS A 726 -25.83 8.33 6.49
C LYS A 726 -26.05 9.71 7.07
N GLN A 727 -25.59 10.77 6.43
CA GLN A 727 -25.74 12.09 7.02
C GLN A 727 -25.90 13.14 5.94
N TYR A 728 -26.91 13.98 6.16
CA TYR A 728 -27.27 15.10 5.30
C TYR A 728 -27.29 16.37 6.15
N VAL A 729 -27.14 17.49 5.47
CA VAL A 729 -27.30 18.79 6.08
C VAL A 729 -28.77 18.87 6.50
N GLU A 730 -29.00 19.23 7.77
CA GLU A 730 -30.34 19.13 8.36
C GLU A 730 -31.44 19.73 7.48
N GLY A 731 -32.45 18.91 7.20
CA GLY A 731 -33.64 19.33 6.48
C GLY A 731 -33.43 19.41 5.00
N SER A 732 -32.36 18.77 4.48
CA SER A 732 -32.04 18.86 3.06
C SER A 732 -31.64 17.52 2.50
N SER A 733 -31.54 17.51 1.19
CA SER A 733 -30.90 16.44 0.44
C SER A 733 -29.40 16.70 0.17
N ILE A 734 -28.75 17.55 0.96
CA ILE A 734 -27.33 17.83 0.72
C ILE A 734 -26.52 16.83 1.52
N PRO A 735 -25.84 15.90 0.84
CA PRO A 735 -25.08 14.86 1.55
C PRO A 735 -23.78 15.37 2.18
N VAL A 736 -23.40 14.84 3.35
CA VAL A 736 -22.22 15.30 4.06
C VAL A 736 -21.02 14.38 3.70
N PRO A 737 -19.96 14.97 3.10
CA PRO A 737 -18.76 14.18 2.85
C PRO A 737 -18.12 13.56 4.11
N THR A 738 -17.56 12.37 3.97
CA THR A 738 -16.74 11.79 5.05
C THR A 738 -15.33 12.33 4.98
N HIS A 739 -14.88 12.72 3.79
CA HIS A 739 -13.57 13.21 3.58
C HIS A 739 -13.55 14.29 2.48
N TYR A 740 -12.45 15.01 2.44
CA TYR A 740 -12.14 15.94 1.34
C TYR A 740 -10.75 15.63 0.83
N TYR A 741 -10.61 15.55 -0.50
CA TYR A 741 -9.32 15.26 -1.13
C TYR A 741 -8.74 16.48 -1.81
N SER A 742 -7.44 16.47 -2.05
CA SER A 742 -6.83 17.30 -3.06
C SER A 742 -5.64 16.53 -3.69
N ILE A 743 -5.45 16.73 -5.00
CA ILE A 743 -4.35 16.20 -5.78
C ILE A 743 -3.63 17.42 -6.31
N ILE A 744 -2.34 17.49 -6.01
CA ILE A 744 -1.55 18.68 -6.27
C ILE A 744 -0.42 18.28 -7.15
N THR A 745 -0.51 18.69 -8.41
CA THR A 745 0.41 18.28 -9.44
C THR A 745 1.27 19.47 -9.93
N SER A 746 2.53 19.17 -10.24
CA SER A 746 3.46 20.14 -10.79
C SER A 746 4.45 19.41 -11.72
N CYS A 747 5.39 20.18 -12.30
CA CYS A 747 6.41 19.59 -13.11
C CYS A 747 7.51 18.94 -12.25
N LEU A 748 7.90 17.73 -12.59
CA LEU A 748 9.01 17.08 -11.88
C LEU A 748 10.26 17.95 -12.05
N ASP A 749 10.50 18.43 -13.25
CA ASP A 749 11.55 19.45 -13.45
C ASP A 749 10.96 20.80 -13.04
N PHE A 750 11.26 21.17 -11.80
CA PHE A 750 10.71 22.40 -11.17
C PHE A 750 11.21 23.73 -11.72
N THR A 751 12.17 23.69 -12.65
CA THR A 751 12.56 24.86 -13.43
C THR A 751 11.52 25.24 -14.44
N GLN A 752 10.64 24.27 -14.76
CA GLN A 752 9.53 24.53 -15.64
C GLN A 752 8.28 24.76 -14.79
N PRO A 753 7.49 25.77 -15.16
CA PRO A 753 6.24 26.03 -14.42
C PRO A 753 5.20 24.91 -14.61
N ALA A 754 4.32 24.72 -13.64
CA ALA A 754 3.29 23.64 -13.71
C ALA A 754 2.49 23.70 -14.99
N ASP A 755 2.12 24.90 -15.44
CA ASP A 755 1.31 25.05 -16.67
C ASP A 755 2.07 24.98 -17.99
N LYS A 756 3.38 24.78 -17.95
CA LYS A 756 4.15 24.56 -19.19
C LYS A 756 5.23 23.58 -18.90
N CYS A 757 4.83 22.35 -18.62
CA CYS A 757 5.76 21.28 -18.24
C CYS A 757 5.84 20.37 -19.43
N ASP A 758 7.03 20.11 -19.92
CA ASP A 758 7.22 19.25 -21.10
C ASP A 758 7.41 17.80 -20.76
N GLY A 759 7.75 17.49 -19.51
CA GLY A 759 8.15 16.14 -19.13
C GLY A 759 7.35 15.48 -18.00
N PRO A 760 8.02 14.59 -17.24
CA PRO A 760 7.30 13.90 -16.16
C PRO A 760 6.74 14.84 -15.09
N LEU A 761 5.72 14.34 -14.40
CA LEU A 761 4.97 15.10 -13.41
C LEU A 761 5.36 14.69 -12.00
N SER A 762 5.03 15.55 -11.06
CA SER A 762 5.25 15.32 -9.64
C SER A 762 3.92 15.53 -8.96
N VAL A 763 3.52 14.65 -8.03
CA VAL A 763 2.20 14.76 -7.42
C VAL A 763 2.32 14.51 -5.92
N SER A 764 1.53 15.23 -5.14
CA SER A 764 1.24 14.84 -3.76
C SER A 764 -0.27 15.02 -3.54
N SER A 765 -0.86 14.15 -2.74
CA SER A 765 -2.29 14.17 -2.54
C SER A 765 -2.61 13.88 -1.09
N PHE A 766 -3.82 14.21 -0.71
CA PHE A 766 -4.32 13.90 0.62
C PHE A 766 -5.81 13.59 0.59
N ILE A 767 -6.23 12.87 1.62
CA ILE A 767 -7.62 12.56 1.88
C ILE A 767 -7.85 12.91 3.36
N LEU A 768 -8.38 14.10 3.62
CA LEU A 768 -8.58 14.57 5.00
C LEU A 768 -9.90 14.07 5.53
N PRO A 769 -9.92 13.49 6.74
CA PRO A 769 -11.23 13.16 7.28
C PRO A 769 -12.03 14.40 7.66
N HIS A 770 -13.31 14.38 7.35
CA HIS A 770 -14.18 15.52 7.57
C HIS A 770 -14.78 15.34 8.96
N ARG A 771 -14.11 15.87 9.96
CA ARG A 771 -14.48 15.56 11.33
C ARG A 771 -15.00 16.81 12.04
N PRO A 772 -16.00 16.63 12.92
CA PRO A 772 -16.58 17.74 13.65
C PRO A 772 -15.75 18.22 14.81
N ASP A 773 -14.61 17.56 15.11
CA ASP A 773 -13.65 18.03 16.09
C ASP A 773 -12.26 17.79 15.53
N ASN A 774 -11.29 18.39 16.19
CA ASN A 774 -9.91 18.14 15.93
C ASN A 774 -9.26 17.39 17.08
N ASP A 775 -9.96 16.44 17.66
CA ASP A 775 -9.39 15.60 18.74
C ASP A 775 -8.16 14.78 18.28
N GLU A 776 -8.07 14.50 16.99
CA GLU A 776 -6.91 13.79 16.43
C GLU A 776 -5.66 14.62 16.63
N SER A 777 -5.76 15.93 16.51
CA SER A 777 -4.62 16.82 16.66
C SER A 777 -4.55 17.41 18.10
N CYS A 778 -3.67 16.85 18.92
CA CYS A 778 -3.52 17.26 20.32
C CYS A 778 -3.09 18.70 20.50
N ASN A 779 -2.44 19.28 19.49
CA ASN A 779 -2.02 20.69 19.53
CA ASN A 779 -1.95 20.66 19.43
C ASN A 779 -2.96 21.66 18.80
N SER A 780 -4.21 21.25 18.59
CA SER A 780 -5.20 22.05 17.83
C SER A 780 -5.72 23.35 18.46
N SER A 781 -5.52 23.53 19.75
CA SER A 781 -5.85 24.82 20.36
CA SER A 781 -5.84 24.82 20.38
C SER A 781 -4.83 25.90 19.98
N GLU A 782 -3.69 25.50 19.43
CA GLU A 782 -2.72 26.46 18.94
C GLU A 782 -3.08 26.95 17.53
N ASP A 783 -2.27 27.88 17.04
CA ASP A 783 -2.41 28.40 15.68
C ASP A 783 -2.24 27.27 14.65
N GLU A 784 -2.99 27.35 13.55
CA GLU A 784 -3.04 26.32 12.52
C GLU A 784 -1.66 25.98 11.95
N SER A 785 -0.75 26.98 11.94
CA SER A 785 0.66 26.77 11.60
C SER A 785 1.45 25.76 12.46
N LYS A 786 0.92 25.40 13.62
CA LYS A 786 1.58 24.43 14.51
C LYS A 786 0.99 23.03 14.45
N TRP A 787 -0.04 22.81 13.63
CA TRP A 787 -0.66 21.49 13.60
C TRP A 787 -1.34 21.02 12.32
N VAL A 788 -1.82 21.95 11.49
CA VAL A 788 -2.62 21.59 10.33
C VAL A 788 -1.80 20.77 9.34
N GLU A 789 -0.62 21.26 9.01
CA GLU A 789 0.20 20.59 8.04
C GLU A 789 0.60 19.16 8.49
N GLU A 790 0.90 19.01 9.79
CA GLU A 790 1.18 17.69 10.40
C GLU A 790 0.01 16.71 10.16
N LEU A 791 -1.22 17.17 10.38
CA LEU A 791 -2.41 16.39 10.11
C LEU A 791 -2.48 15.98 8.64
N MET A 792 -2.30 16.94 7.75
CA MET A 792 -2.39 16.64 6.32
C MET A 792 -1.37 15.61 5.86
N LYS A 793 -0.14 15.76 6.31
CA LYS A 793 0.91 14.76 6.13
C LYS A 793 0.49 13.35 6.55
N MET A 794 -0.13 13.22 7.72
CA MET A 794 -0.60 11.94 8.21
CA MET A 794 -0.60 11.92 8.21
C MET A 794 -1.59 11.29 7.25
N HIS A 795 -2.36 12.15 6.56
CA HIS A 795 -3.45 11.70 5.69
C HIS A 795 -3.08 11.83 4.19
N THR A 796 -1.77 11.80 3.94
CA THR A 796 -1.25 11.68 2.58
C THR A 796 -1.87 10.47 1.88
N ALA A 797 -2.05 10.55 0.57
CA ALA A 797 -2.72 9.51 -0.17
C ALA A 797 -2.15 9.38 -1.57
N ARG A 798 -2.43 8.26 -2.20
CA ARG A 798 -2.10 8.07 -3.65
C ARG A 798 -3.24 8.60 -4.46
N VAL A 799 -2.98 9.05 -5.68
CA VAL A 799 -4.09 9.33 -6.59
C VAL A 799 -5.05 8.15 -6.72
N ARG A 800 -4.50 6.96 -6.78
CA ARG A 800 -5.28 5.77 -6.96
C ARG A 800 -6.27 5.58 -5.82
N ASP A 801 -5.88 5.96 -4.61
CA ASP A 801 -6.81 5.89 -3.44
C ASP A 801 -8.03 6.77 -3.68
N ILE A 802 -7.77 7.97 -4.20
CA ILE A 802 -8.81 8.95 -4.48
C ILE A 802 -9.71 8.43 -5.59
N GLU A 803 -9.11 7.80 -6.60
CA GLU A 803 -9.89 7.22 -7.69
C GLU A 803 -10.91 6.18 -7.20
N HIS A 804 -10.47 5.28 -6.31
CA HIS A 804 -11.36 4.25 -5.78
C HIS A 804 -12.50 4.94 -5.03
N LEU A 805 -12.16 5.97 -4.24
CA LEU A 805 -13.13 6.68 -3.40
C LEU A 805 -14.10 7.56 -4.15
N THR A 806 -13.80 7.90 -5.40
CA THR A 806 -14.62 8.85 -6.17
C THR A 806 -15.17 8.30 -7.47
N GLY A 807 -14.68 7.17 -7.98
CA GLY A 807 -15.12 6.70 -9.31
C GLY A 807 -14.68 7.60 -10.45
N LEU A 808 -13.62 8.37 -10.19
CA LEU A 808 -13.01 9.25 -11.18
C LEU A 808 -11.70 8.65 -11.67
N ASP A 809 -11.37 8.99 -12.89
CA ASP A 809 -10.11 8.63 -13.47
C ASP A 809 -9.36 9.91 -13.95
N PHE A 810 -8.20 10.16 -13.37
CA PHE A 810 -7.43 11.39 -13.59
C PHE A 810 -6.35 11.18 -14.63
N TYR A 811 -5.69 12.29 -15.01
CA TYR A 811 -4.56 12.32 -15.95
C TYR A 811 -4.88 11.66 -17.28
N ARG A 812 -6.06 11.96 -17.81
CA ARG A 812 -6.55 11.34 -19.05
C ARG A 812 -5.88 11.91 -20.30
N LYS A 813 -5.38 13.14 -20.23
CA LYS A 813 -4.78 13.86 -21.39
C LYS A 813 -3.46 14.45 -21.01
N THR A 814 -2.40 13.68 -21.16
CA THR A 814 -1.07 14.18 -20.95
C THR A 814 -0.22 13.74 -22.11
N SER A 815 1.03 14.21 -22.13
N SER A 815 1.02 14.20 -22.13
CA SER A 815 2.06 13.75 -23.08
CA SER A 815 1.99 13.73 -23.10
C SER A 815 2.70 12.41 -22.68
C SER A 815 2.87 12.63 -22.54
N ARG A 816 2.44 11.95 -21.46
CA ARG A 816 3.20 10.84 -20.87
C ARG A 816 2.59 9.48 -21.23
N SER A 817 3.42 8.44 -21.28
CA SER A 817 2.94 7.09 -21.50
C SER A 817 1.98 6.67 -20.35
N TYR A 818 1.05 5.79 -20.66
CA TYR A 818 0.04 5.38 -19.69
C TYR A 818 0.67 4.62 -18.55
N SER A 819 1.69 3.80 -18.84
CA SER A 819 2.38 3.11 -17.76
CA SER A 819 2.37 3.09 -17.75
C SER A 819 3.04 4.06 -16.78
N GLU A 820 3.60 5.15 -17.30
CA GLU A 820 4.22 6.17 -16.45
C GLU A 820 3.19 6.84 -15.56
N ILE A 821 2.03 7.15 -16.16
CA ILE A 821 0.87 7.76 -15.44
C ILE A 821 0.36 6.80 -14.35
N LEU A 822 0.31 5.52 -14.65
CA LEU A 822 -0.08 4.51 -13.63
C LEU A 822 0.89 4.49 -12.46
N THR A 823 2.19 4.63 -12.75
CA THR A 823 3.19 4.78 -11.73
C THR A 823 2.95 6.05 -10.90
N LEU A 824 2.69 7.16 -11.57
CA LEU A 824 2.39 8.42 -10.90
C LEU A 824 1.20 8.28 -9.98
N LYS A 825 0.17 7.58 -10.45
CA LYS A 825 -1.08 7.46 -9.67
C LYS A 825 -0.91 6.57 -8.39
N THR A 826 0.10 5.70 -8.38
CA THR A 826 0.42 4.87 -7.21
C THR A 826 1.39 5.48 -6.26
N TYR A 827 2.03 6.59 -6.69
CA TYR A 827 3.01 7.27 -5.86
C TYR A 827 2.34 7.72 -4.55
N LEU A 828 3.08 7.63 -3.46
CA LEU A 828 2.64 8.16 -2.19
C LEU A 828 3.76 9.08 -1.66
N HIS A 829 3.40 10.30 -1.29
CA HIS A 829 4.40 11.19 -0.70
C HIS A 829 4.40 10.94 0.79
N THR A 830 5.49 10.44 1.35
N THR A 830 5.46 10.35 1.29
CA THR A 830 5.45 9.88 2.71
CA THR A 830 5.62 10.25 2.73
C THR A 830 5.90 10.85 3.80
C THR A 830 6.51 11.41 3.03
N TYR A 831 6.74 11.83 3.43
N TYR A 831 6.44 11.85 4.26
CA TYR A 831 7.23 12.86 4.37
CA TYR A 831 7.24 12.95 4.65
C TYR A 831 8.25 12.40 5.45
C TYR A 831 8.38 12.45 5.50
N GLU A 832 8.81 11.21 5.24
CA GLU A 832 9.88 10.64 6.05
C GLU A 832 11.16 11.27 5.55
N SER A 833 12.14 11.36 6.43
CA SER A 833 13.50 11.72 6.01
C SER A 833 14.12 10.55 5.18
N GLU A 834 15.41 10.62 4.88
CA GLU A 834 16.05 9.77 3.85
C GLU A 834 16.09 8.28 4.26
C1 NAG B . -9.17 -4.57 -3.29
C2 NAG B . -10.36 -3.65 -3.37
C3 NAG B . -11.61 -4.41 -2.94
C4 NAG B . -11.81 -5.69 -3.77
C5 NAG B . -10.51 -6.49 -3.91
C6 NAG B . -10.65 -7.59 -4.96
C7 NAG B . -9.99 -1.27 -2.83
C8 NAG B . -9.82 -0.28 -1.72
N2 NAG B . -10.13 -2.56 -2.45
O3 NAG B . -12.75 -3.57 -3.08
O4 NAG B . -12.68 -6.54 -2.99
O5 NAG B . -9.41 -5.64 -4.23
O6 NAG B . -10.92 -7.01 -6.24
O7 NAG B . -9.99 -0.93 -4.02
C1 NAG B . -13.85 -6.91 -3.77
C2 NAG B . -14.37 -8.19 -3.15
C3 NAG B . -15.59 -8.64 -3.93
C4 NAG B . -16.67 -7.55 -3.81
C5 NAG B . -16.14 -6.18 -4.27
C6 NAG B . -17.14 -5.04 -3.91
C7 NAG B . -12.46 -9.42 -2.16
C8 NAG B . -11.50 -10.54 -2.43
N2 NAG B . -13.34 -9.21 -3.15
O3 NAG B . -16.02 -9.90 -3.41
O4 NAG B . -17.84 -7.89 -4.58
O5 NAG B . -14.83 -5.89 -3.73
O6 NAG B . -17.07 -4.65 -2.52
O7 NAG B . -12.39 -8.79 -1.10
C1 BMA B . -18.91 -8.49 -3.80
C2 BMA B . -20.23 -8.10 -4.47
C3 BMA B . -21.48 -8.83 -3.87
C4 BMA B . -21.16 -10.34 -3.82
C5 BMA B . -19.79 -10.70 -3.18
C6 BMA B . -19.40 -12.17 -3.38
O2 BMA B . -19.98 -8.36 -5.85
O3 BMA B . -22.74 -8.56 -4.60
O4 BMA B . -22.18 -11.07 -3.10
O5 BMA B . -18.73 -9.90 -3.75
O6 BMA B . -18.12 -12.38 -2.75
C1 MAN B . -17.63 -13.73 -2.61
C2 MAN B . -16.66 -13.72 -1.40
C3 MAN B . -15.29 -13.09 -1.73
C4 MAN B . -14.71 -13.77 -2.98
C5 MAN B . -15.70 -13.75 -4.17
C6 MAN B . -15.18 -14.35 -5.51
O2 MAN B . -16.47 -15.05 -0.91
O3 MAN B . -14.32 -13.13 -0.63
O4 MAN B . -13.49 -13.09 -3.27
O5 MAN B . -16.99 -14.30 -3.77
O6 MAN B . -14.67 -15.71 -5.49
C1 MAN B . -14.60 -12.28 0.53
C2 MAN B . -13.30 -11.80 1.24
C3 MAN B . -12.52 -12.95 1.90
C4 MAN B . -13.45 -13.73 2.83
C5 MAN B . -14.82 -14.02 2.18
C6 MAN B . -15.81 -14.56 3.21
O2 MAN B . -13.62 -10.89 2.32
O3 MAN B . -11.38 -12.47 2.66
O4 MAN B . -12.78 -14.93 3.23
O5 MAN B . -15.43 -12.87 1.56
O6 MAN B . -17.06 -14.76 2.51
C1 MAN B . -13.58 -9.49 1.99
C2 MAN B . -13.53 -8.73 3.31
C3 MAN B . -14.92 -8.64 3.96
C4 MAN B . -16.00 -8.24 2.97
C5 MAN B . -15.98 -9.17 1.74
C6 MAN B . -17.11 -8.83 0.74
O2 MAN B . -13.03 -7.41 3.11
O3 MAN B . -14.83 -7.72 5.06
O4 MAN B . -17.31 -8.27 3.58
O5 MAN B . -14.67 -9.06 1.14
O6 MAN B . -17.03 -9.69 -0.43
C1 MAN B . -23.75 -7.63 -4.04
C2 MAN B . -25.23 -8.09 -4.28
C3 MAN B . -26.04 -7.48 -5.47
C4 MAN B . -25.38 -6.35 -6.26
C5 MAN B . -23.90 -6.13 -5.94
C6 MAN B . -23.47 -4.75 -6.44
O2 MAN B . -26.03 -7.75 -3.13
O3 MAN B . -27.32 -6.93 -5.04
O4 MAN B . -25.55 -6.61 -7.68
O5 MAN B . -23.62 -6.27 -4.52
O6 MAN B . -23.64 -4.69 -7.87
C1 MAN B . -26.71 -8.84 -2.43
C2 MAN B . -28.14 -8.47 -2.01
C3 MAN B . -28.09 -7.26 -1.02
C4 MAN B . -27.20 -7.62 0.16
C5 MAN B . -25.82 -8.12 -0.31
C6 MAN B . -24.90 -8.55 0.82
O2 MAN B . -28.75 -9.66 -1.45
O3 MAN B . -29.34 -6.78 -0.50
O4 MAN B . -27.07 -6.46 0.99
O5 MAN B . -26.00 -9.22 -1.25
O6 MAN B . -25.45 -9.71 1.48
CA CA C . 8.04 -11.13 9.24
C ACT D . 5.14 6.75 13.63
O ACT D . 5.11 7.55 12.67
OXT ACT D . 6.09 6.77 14.44
CH3 ACT D . 4.01 5.75 13.83
ZN ZN E . 9.20 -10.35 13.55
NA NA F . -7.28 18.69 19.51
CA CA G . -17.94 3.11 0.35
NA NA H . -24.86 25.99 10.44
C13 Y1B I . 5.27 -21.35 7.91
C13 Y1B I . 6.59 -20.30 8.54
C16 Y1B I . 6.40 -19.82 5.01
C16 Y1B I . 6.44 -19.89 4.97
C17 Y1B I . 5.97 -18.70 4.06
C17 Y1B I . 6.10 -18.74 4.03
C18 Y1B I . 6.02 -19.22 2.64
C18 Y1B I . 6.03 -19.24 2.60
C19 Y1B I . 5.76 -18.09 1.67
C19 Y1B I . 5.76 -18.12 1.66
C20 Y1B I . 6.84 -17.47 1.12
C20 Y1B I . 6.84 -17.50 1.09
C21 Y1B I . 6.69 -16.44 0.23
C21 Y1B I . 6.69 -16.46 0.20
C22 Y1B I . 5.45 -16.01 -0.09
C22 Y1B I . 5.44 -16.02 -0.11
C23 Y1B I . 5.23 -14.88 -1.10
C23 Y1B I . 5.24 -14.89 -1.11
C27 Y1B I . 4.34 -16.61 0.45
C27 Y1B I . 4.33 -16.63 0.44
C28 Y1B I . 4.51 -17.63 1.38
C28 Y1B I . 4.51 -17.67 1.34
F1 Y1B I . 0.68 -19.71 8.22
C2 Y1B I . 0.74 -20.96 7.92
C3 Y1B I . 1.77 -21.76 8.40
C4 Y1B I . 1.69 -23.07 7.94
C5 Y1B I . 0.64 -23.51 7.09
C6 Y1B I . -0.33 -22.63 6.68
C7 Y1B I . -0.29 -21.35 7.10
C8 Y1B I . -1.43 -23.06 5.81
O9 Y1B I . -1.40 -23.86 4.92
O10 Y1B I . -2.59 -22.46 6.11
S11 Y1B I . 3.05 -21.15 9.47
S11 Y1B I . 6.13 -18.51 10.58
C12 Y1B I . 4.46 -20.28 8.64
C12 Y1B I . 5.59 -19.24 8.98
C14 Y1B I . 6.51 -20.77 7.27
C14 Y1B I . 6.13 -20.91 7.21
N15 Y1B I . 6.09 -19.73 6.35
N15 Y1B I . 5.88 -19.87 6.22
F24 Y1B I . 5.57 -15.22 -2.32
F24 Y1B I . 5.57 -15.20 -2.33
F25 Y1B I . 3.98 -14.46 -1.19
F25 Y1B I . 4.00 -14.46 -1.19
F26 Y1B I . 5.94 -13.82 -0.89
F26 Y1B I . 5.95 -13.83 -0.89
C29 Y1B I . 3.30 -18.28 1.94
C29 Y1B I . 3.29 -18.31 1.92
N30 Y1B I . 2.53 -17.43 2.83
N30 Y1B I . 2.53 -17.47 2.83
N31 Y1B I . 1.40 -16.76 2.54
N31 Y1B I . 1.45 -16.75 2.54
N32 Y1B I . 1.01 -16.19 3.62
N32 Y1B I . 1.05 -16.18 3.59
C33 Y1B I . 1.92 -16.53 4.66
C33 Y1B I . 1.92 -16.55 4.64
C34 Y1B I . 1.83 -16.09 6.06
C34 Y1B I . 1.82 -16.10 6.03
N35 Y1B I . 2.87 -17.31 4.14
N35 Y1B I . 2.85 -17.37 4.15
O36 Y1B I . 7.02 -20.76 4.66
O36 Y1B I . 7.18 -20.77 4.67
C37 Y1B I . 5.33 -18.63 6.91
C37 Y1B I . 4.97 -18.81 6.61
C38 Y1B I . 4.08 -19.17 7.64
C38 Y1B I . 5.47 -18.16 7.91
#